data_6T7M
#
_entry.id   6T7M
#
_cell.length_a   99.241
_cell.length_b   107.192
_cell.length_c   108.619
_cell.angle_alpha   90.000
_cell.angle_beta   90.000
_cell.angle_gamma   90.000
#
_symmetry.space_group_name_H-M   'P 21 21 21'
#
loop_
_entity.id
_entity.type
_entity.pdbx_description
1 polymer '3-oxoacyl-[acyl-carrier-protein] reductase FabG'
2 water water
#
_entity_poly.entity_id   1
_entity_poly.type   'polypeptide(L)'
_entity_poly.pdbx_seq_one_letter_code
;MHHHHHHSSGVDLGTENLYFQSMSFEGKIALVTGASRGIGRAIAETLVARGAKVIGTATSENGAKNISDYLGANGKGLML
NVTDPASIESVLENIRAEFGEVDILVNNAGITRDNLLMRMKDDEWNDIIETNLSSVFRLSKAVMRAMMKKRCGRIITIGS
VVGTMGNAGQANYAAAKAGLIGFSKSLAREVASRGITVNVVAPGFIETDMTRALSDDQRAGILAQVPAGRLGGAQEIASA
VAFLASDEASYITGETLHVNGGMYMV
;
_entity_poly.pdbx_strand_id   A,B,C,D
#
# COMPACT_ATOMS: atom_id res chain seq x y z
N MET A 23 -1.10 36.28 -6.20
CA MET A 23 -2.16 35.39 -5.73
C MET A 23 -1.66 34.27 -4.82
N SER A 24 -1.88 33.02 -5.22
CA SER A 24 -1.70 31.88 -4.32
C SER A 24 -0.22 31.57 -4.08
N PHE A 25 0.63 31.80 -5.07
CA PHE A 25 2.06 31.61 -4.94
C PHE A 25 2.80 32.95 -4.96
N GLU A 26 2.18 33.97 -4.38
CA GLU A 26 2.80 35.30 -4.30
C GLU A 26 4.21 35.19 -3.72
N GLY A 27 5.19 35.59 -4.52
CA GLY A 27 6.57 35.67 -4.05
C GLY A 27 7.30 34.36 -3.94
N LYS A 28 6.92 33.35 -4.73
CA LYS A 28 7.53 32.03 -4.68
C LYS A 28 8.17 31.72 -6.02
N ILE A 29 9.35 31.11 -5.96
CA ILE A 29 10.14 30.75 -7.14
C ILE A 29 10.10 29.25 -7.31
N ALA A 30 9.65 28.79 -8.48
CA ALA A 30 9.46 27.38 -8.78
C ALA A 30 10.37 26.93 -9.91
N LEU A 31 11.03 25.79 -9.72
CA LEU A 31 11.78 25.11 -10.77
C LEU A 31 10.96 23.90 -11.25
N VAL A 32 10.52 23.94 -12.50
CA VAL A 32 9.83 22.79 -13.11
C VAL A 32 10.72 22.22 -14.20
N THR A 33 11.22 21.00 -13.99
CA THR A 33 12.08 20.34 -14.97
C THR A 33 11.25 19.64 -16.01
N GLY A 34 11.72 19.67 -17.25
CA GLY A 34 10.99 19.10 -18.36
C GLY A 34 9.66 19.79 -18.56
N ALA A 35 9.69 21.11 -18.78
CA ALA A 35 8.48 21.91 -18.89
C ALA A 35 8.13 22.28 -20.34
N SER A 36 8.69 21.58 -21.32
CA SER A 36 8.45 21.93 -22.72
C SER A 36 6.99 21.68 -23.14
N ARG A 37 6.35 20.63 -22.62
CA ARG A 37 5.08 20.22 -23.18
C ARG A 37 4.37 19.31 -22.18
N GLY A 38 3.09 19.04 -22.46
CA GLY A 38 2.30 18.11 -21.66
C GLY A 38 2.24 18.47 -20.19
N ILE A 39 2.57 17.49 -19.34
CA ILE A 39 2.57 17.68 -17.90
C ILE A 39 3.40 18.91 -17.53
N GLY A 40 4.68 18.92 -17.93
CA GLY A 40 5.59 19.99 -17.54
C GLY A 40 5.08 21.38 -17.90
N ARG A 41 4.63 21.56 -19.15
CA ARG A 41 4.08 22.85 -19.56
C ARG A 41 2.82 23.19 -18.79
N ALA A 42 1.98 22.18 -18.51
CA ALA A 42 0.76 22.44 -17.78
C ALA A 42 1.05 22.84 -16.34
N ILE A 43 2.07 22.24 -15.73
CA ILE A 43 2.45 22.65 -14.39
C ILE A 43 2.97 24.09 -14.39
N ALA A 44 3.94 24.39 -15.26
CA ALA A 44 4.54 25.73 -15.29
C ALA A 44 3.48 26.82 -15.41
N GLU A 45 2.53 26.62 -16.31
CA GLU A 45 1.50 27.63 -16.57
C GLU A 45 0.50 27.74 -15.43
N THR A 46 0.16 26.60 -14.80
CA THR A 46 -0.70 26.65 -13.63
C THR A 46 -0.06 27.47 -12.52
N LEU A 47 1.24 27.30 -12.32
CA LEU A 47 1.92 28.08 -11.30
C LEU A 47 1.97 29.56 -11.68
N VAL A 48 2.39 29.86 -12.90
CA VAL A 48 2.42 31.25 -13.36
C VAL A 48 1.04 31.87 -13.24
N ALA A 49 0.01 31.14 -13.69
CA ALA A 49 -1.36 31.65 -13.60
C ALA A 49 -1.79 31.88 -12.17
N ARG A 50 -1.03 31.39 -11.20
CA ARG A 50 -1.38 31.57 -9.79
C ARG A 50 -0.28 32.29 -9.03
N GLY A 51 0.56 33.04 -9.72
CA GLY A 51 1.40 34.04 -9.11
C GLY A 51 2.82 33.64 -8.75
N ALA A 52 3.40 32.65 -9.40
CA ALA A 52 4.77 32.26 -9.12
C ALA A 52 5.69 32.69 -10.24
N LYS A 53 6.92 33.02 -9.87
CA LYS A 53 7.99 33.13 -10.85
C LYS A 53 8.45 31.71 -11.16
N VAL A 54 8.50 31.35 -12.43
CA VAL A 54 8.68 29.96 -12.80
C VAL A 54 9.86 29.84 -13.73
N ILE A 55 10.81 28.97 -13.36
CA ILE A 55 11.88 28.57 -14.26
C ILE A 55 11.53 27.17 -14.76
N GLY A 56 11.30 27.06 -16.06
CA GLY A 56 11.00 25.79 -16.69
C GLY A 56 12.22 25.34 -17.47
N THR A 57 12.38 24.03 -17.57
CA THR A 57 13.62 23.41 -18.02
C THR A 57 13.37 22.60 -19.28
N ALA A 58 14.38 22.56 -20.14
CA ALA A 58 14.34 21.71 -21.32
C ALA A 58 15.73 21.19 -21.62
N THR A 59 15.78 20.13 -22.42
CA THR A 59 17.06 19.55 -22.81
C THR A 59 17.78 20.39 -23.86
N SER A 60 17.04 21.13 -24.68
CA SER A 60 17.58 21.79 -25.86
C SER A 60 17.45 23.30 -25.76
N GLU A 61 18.21 24.00 -26.61
CA GLU A 61 18.11 25.44 -26.71
C GLU A 61 16.68 25.88 -27.04
N ASN A 62 16.18 25.45 -28.20
CA ASN A 62 14.83 25.80 -28.62
C ASN A 62 13.81 25.40 -27.58
N GLY A 63 13.97 24.20 -27.01
CA GLY A 63 13.18 23.83 -25.86
C GLY A 63 13.14 24.96 -24.86
N ALA A 64 14.30 25.32 -24.32
CA ALA A 64 14.38 26.37 -23.30
C ALA A 64 13.90 27.71 -23.84
N LYS A 65 14.23 27.98 -25.10
CA LYS A 65 13.81 29.22 -25.76
C LYS A 65 12.30 29.32 -25.84
N ASN A 66 11.67 28.24 -26.35
CA ASN A 66 10.21 28.18 -26.43
C ASN A 66 9.54 28.25 -25.05
N ILE A 67 10.15 27.67 -24.04
CA ILE A 67 9.64 27.84 -22.69
C ILE A 67 9.63 29.32 -22.33
N SER A 68 10.80 29.97 -22.41
CA SER A 68 10.87 31.40 -22.12
C SER A 68 9.84 32.19 -22.92
N ASP A 69 9.54 31.72 -24.12
CA ASP A 69 8.55 32.39 -24.95
C ASP A 69 7.18 32.37 -24.27
N TYR A 70 6.73 31.20 -23.82
CA TYR A 70 5.38 31.15 -23.26
C TYR A 70 5.33 31.62 -21.82
N LEU A 71 6.45 31.59 -21.11
CA LEU A 71 6.50 32.11 -19.76
C LEU A 71 6.60 33.63 -19.74
N GLY A 72 7.19 34.23 -20.77
CA GLY A 72 7.38 35.66 -20.87
C GLY A 72 7.83 36.40 -19.62
N ALA A 73 6.97 37.31 -19.14
CA ALA A 73 7.37 38.16 -18.04
C ALA A 73 7.24 37.48 -16.69
N ASN A 74 6.49 36.39 -16.62
CA ASN A 74 6.29 35.71 -15.36
C ASN A 74 7.38 34.69 -15.07
N GLY A 75 8.26 34.43 -16.03
CA GLY A 75 9.33 33.48 -15.80
C GLY A 75 10.31 33.35 -16.93
N LYS A 76 10.94 32.18 -17.02
CA LYS A 76 12.17 32.04 -17.77
C LYS A 76 12.44 30.57 -18.07
N GLY A 77 12.87 30.27 -19.29
CA GLY A 77 13.28 28.92 -19.67
C GLY A 77 14.78 28.79 -19.71
N LEU A 78 15.29 27.67 -19.19
CA LEU A 78 16.71 27.40 -19.18
C LEU A 78 16.98 26.00 -19.72
N MET A 79 18.17 25.82 -20.28
CA MET A 79 18.61 24.50 -20.69
C MET A 79 19.16 23.76 -19.48
N LEU A 80 18.62 22.57 -19.20
CA LEU A 80 19.10 21.75 -18.10
C LEU A 80 19.18 20.31 -18.53
N ASN A 81 20.26 19.64 -18.14
CA ASN A 81 20.43 18.21 -18.35
C ASN A 81 20.42 17.56 -16.96
N VAL A 82 19.30 16.91 -16.62
CA VAL A 82 19.12 16.41 -15.26
C VAL A 82 20.14 15.34 -14.90
N THR A 83 20.81 14.73 -15.89
CA THR A 83 21.82 13.73 -15.60
C THR A 83 23.22 14.32 -15.41
N ASP A 84 23.44 15.61 -15.74
CA ASP A 84 24.78 16.17 -15.71
C ASP A 84 24.93 17.03 -14.46
N PRO A 85 25.77 16.62 -13.49
CA PRO A 85 25.97 17.45 -12.28
C PRO A 85 26.41 18.88 -12.56
N ALA A 86 27.21 19.10 -13.60
CA ALA A 86 27.68 20.46 -13.87
C ALA A 86 26.54 21.32 -14.39
N SER A 87 25.67 20.71 -15.18
CA SER A 87 24.55 21.44 -15.76
C SER A 87 23.54 21.82 -14.68
N ILE A 88 23.30 20.93 -13.73
CA ILE A 88 22.51 21.29 -12.55
C ILE A 88 23.16 22.46 -11.83
N GLU A 89 24.48 22.37 -11.62
CA GLU A 89 25.18 23.40 -10.84
C GLU A 89 24.99 24.78 -11.45
N SER A 90 25.05 24.87 -12.78
CA SER A 90 24.93 26.16 -13.45
C SER A 90 23.49 26.69 -13.38
N VAL A 91 22.50 25.85 -13.70
CA VAL A 91 21.11 26.32 -13.68
C VAL A 91 20.74 26.85 -12.29
N LEU A 92 21.09 26.12 -11.24
CA LEU A 92 20.72 26.57 -9.90
C LEU A 92 21.49 27.83 -9.52
N GLU A 93 22.81 27.83 -9.76
CA GLU A 93 23.57 29.05 -9.54
C GLU A 93 23.06 30.17 -10.43
N ASN A 94 22.61 29.83 -11.63
CA ASN A 94 21.99 30.82 -12.50
C ASN A 94 20.73 31.39 -11.85
N ILE A 95 19.84 30.51 -11.40
CA ILE A 95 18.59 30.95 -10.79
C ILE A 95 18.85 31.79 -9.55
N ARG A 96 19.80 31.38 -8.71
CA ARG A 96 20.08 32.11 -7.47
C ARG A 96 20.51 33.55 -7.76
N ALA A 97 21.31 33.76 -8.80
CA ALA A 97 21.83 35.09 -9.09
C ALA A 97 20.71 36.07 -9.41
N GLU A 98 19.77 35.63 -10.26
CA GLU A 98 18.79 36.52 -10.87
C GLU A 98 17.44 36.55 -10.18
N PHE A 99 17.01 35.43 -9.61
CA PHE A 99 15.70 35.30 -9.00
C PHE A 99 15.75 35.15 -7.49
N GLY A 100 16.58 34.24 -6.99
CA GLY A 100 16.69 33.92 -5.59
C GLY A 100 16.78 32.43 -5.42
N GLU A 101 16.50 31.96 -4.20
CA GLU A 101 16.51 30.53 -3.89
C GLU A 101 15.17 29.89 -4.22
N VAL A 102 15.22 28.60 -4.60
CA VAL A 102 14.05 27.86 -5.09
C VAL A 102 13.15 27.46 -3.92
N ASP A 103 11.86 27.80 -4.02
CA ASP A 103 10.88 27.43 -3.00
C ASP A 103 10.20 26.10 -3.29
N ILE A 104 9.95 25.82 -4.56
CA ILE A 104 9.11 24.72 -5.03
C ILE A 104 9.87 24.03 -6.15
N LEU A 105 10.24 22.77 -5.95
CA LEU A 105 10.91 21.96 -6.96
C LEU A 105 9.93 20.92 -7.49
N VAL A 106 9.73 20.90 -8.81
CA VAL A 106 8.92 19.88 -9.46
C VAL A 106 9.82 19.07 -10.38
N ASN A 107 10.04 17.80 -10.04
CA ASN A 107 10.83 16.87 -10.86
C ASN A 107 9.88 16.20 -11.84
N ASN A 108 9.98 16.60 -13.11
CA ASN A 108 9.16 16.07 -14.19
C ASN A 108 10.02 15.66 -15.37
N ALA A 109 11.34 15.62 -15.22
CA ALA A 109 12.14 14.86 -16.16
C ALA A 109 11.78 13.39 -16.03
N GLY A 110 12.01 12.65 -17.10
CA GLY A 110 11.57 11.27 -17.13
C GLY A 110 11.21 10.87 -18.54
N ILE A 111 11.73 9.73 -18.99
CA ILE A 111 11.55 9.21 -20.33
C ILE A 111 11.22 7.74 -20.21
N THR A 112 10.86 7.12 -21.33
CA THR A 112 10.70 5.67 -21.37
C THR A 112 11.59 5.08 -22.45
N ARG A 113 11.97 3.81 -22.22
CA ARG A 113 12.70 2.95 -23.12
C ARG A 113 12.21 1.53 -22.84
N ASP A 114 11.04 1.20 -23.39
CA ASP A 114 10.34 -0.03 -23.05
C ASP A 114 10.92 -1.24 -23.79
N ASN A 115 10.83 -2.40 -23.13
CA ASN A 115 11.21 -3.68 -23.70
C ASN A 115 10.89 -4.74 -22.67
N LEU A 116 10.53 -5.94 -23.12
CA LEU A 116 10.52 -7.05 -22.19
C LEU A 116 11.92 -7.25 -21.62
N LEU A 117 12.00 -7.83 -20.43
CA LEU A 117 13.31 -7.97 -19.81
C LEU A 117 14.27 -8.71 -20.71
N MET A 118 13.85 -9.87 -21.22
CA MET A 118 14.72 -10.69 -22.05
C MET A 118 15.30 -9.96 -23.26
N ARG A 119 14.78 -8.79 -23.62
CA ARG A 119 15.26 -8.02 -24.77
C ARG A 119 15.83 -6.68 -24.39
N MET A 120 15.74 -6.28 -23.12
CA MET A 120 16.11 -4.94 -22.71
C MET A 120 17.64 -4.80 -22.69
N LYS A 121 18.15 -3.80 -23.39
CA LYS A 121 19.58 -3.55 -23.41
C LYS A 121 20.02 -2.86 -22.13
N ASP A 122 21.26 -3.12 -21.72
CA ASP A 122 21.82 -2.53 -20.51
C ASP A 122 21.67 -1.01 -20.49
N ASP A 123 21.80 -0.35 -21.65
CA ASP A 123 21.75 1.11 -21.67
C ASP A 123 20.30 1.61 -21.64
N GLU A 124 19.36 0.78 -22.09
CA GLU A 124 17.95 1.09 -21.86
C GLU A 124 17.61 1.06 -20.38
N TRP A 125 18.21 0.14 -19.62
CA TRP A 125 18.08 0.18 -18.17
C TRP A 125 18.74 1.44 -17.59
N ASN A 126 20.04 1.62 -17.85
CA ASN A 126 20.78 2.67 -17.19
C ASN A 126 20.21 4.05 -17.51
N ASP A 127 19.73 4.27 -18.73
CA ASP A 127 19.19 5.59 -19.05
C ASP A 127 17.95 5.87 -18.23
N ILE A 128 17.05 4.89 -18.13
CA ILE A 128 15.83 5.09 -17.35
C ILE A 128 16.17 5.30 -15.88
N ILE A 129 17.18 4.58 -15.37
CA ILE A 129 17.58 4.79 -13.99
C ILE A 129 18.15 6.18 -13.79
N GLU A 130 19.04 6.63 -14.69
CA GLU A 130 19.65 7.93 -14.51
C GLU A 130 18.63 9.04 -14.67
N THR A 131 17.84 8.99 -15.72
CA THR A 131 16.96 10.11 -16.04
C THR A 131 15.76 10.19 -15.11
N ASN A 132 15.22 9.05 -14.66
CA ASN A 132 13.97 9.04 -13.91
C ASN A 132 14.13 8.77 -12.43
N LEU A 133 15.29 8.30 -11.97
CA LEU A 133 15.49 8.07 -10.54
C LEU A 133 16.63 8.90 -9.97
N SER A 134 17.85 8.74 -10.50
CA SER A 134 18.99 9.46 -9.96
C SER A 134 18.87 10.97 -10.18
N SER A 135 18.12 11.39 -11.20
CA SER A 135 17.88 12.82 -11.37
C SER A 135 17.10 13.39 -10.20
N VAL A 136 16.22 12.58 -9.61
CA VAL A 136 15.42 13.03 -8.47
C VAL A 136 16.32 13.28 -7.28
N PHE A 137 17.36 12.47 -7.12
CA PHE A 137 18.30 12.65 -6.03
C PHE A 137 19.12 13.92 -6.23
N ARG A 138 19.65 14.10 -7.44
CA ARG A 138 20.55 15.23 -7.69
C ARG A 138 19.82 16.55 -7.55
N LEU A 139 18.65 16.67 -8.15
CA LEU A 139 17.98 17.95 -8.16
C LEU A 139 17.41 18.31 -6.80
N SER A 140 17.03 17.31 -6.00
CA SER A 140 16.52 17.60 -4.68
C SER A 140 17.63 18.01 -3.72
N LYS A 141 18.75 17.28 -3.74
CA LYS A 141 19.87 17.66 -2.89
C LYS A 141 20.31 19.09 -3.20
N ALA A 142 20.28 19.46 -4.47
CA ALA A 142 20.77 20.77 -4.89
C ALA A 142 19.87 21.92 -4.44
N VAL A 143 18.60 21.65 -4.12
CA VAL A 143 17.70 22.72 -3.72
C VAL A 143 17.43 22.74 -2.22
N MET A 144 17.96 21.78 -1.47
CA MET A 144 17.42 21.55 -0.13
C MET A 144 18.11 22.34 0.95
N ARG A 145 19.42 22.56 0.80
CA ARG A 145 20.15 23.45 1.70
C ARG A 145 19.35 24.72 1.95
N ALA A 146 19.01 25.43 0.88
CA ALA A 146 18.26 26.67 1.00
C ALA A 146 16.90 26.43 1.64
N MET A 147 16.26 25.29 1.34
CA MET A 147 14.95 25.01 1.93
C MET A 147 15.08 24.76 3.42
N MET A 148 16.11 24.00 3.82
CA MET A 148 16.34 23.77 5.25
C MET A 148 16.54 25.10 5.96
N LYS A 149 17.35 25.99 5.40
CA LYS A 149 17.62 27.29 6.01
C LYS A 149 16.33 28.10 6.15
N LYS A 150 15.56 28.22 5.06
CA LYS A 150 14.32 28.99 5.10
C LYS A 150 13.23 28.35 5.96
N ARG A 151 13.35 27.07 6.33
CA ARG A 151 12.33 26.37 7.13
C ARG A 151 10.98 26.31 6.42
N CYS A 152 10.98 26.27 5.10
CA CYS A 152 9.76 26.13 4.32
C CYS A 152 10.17 25.62 2.96
N GLY A 153 9.34 24.80 2.34
CA GLY A 153 9.66 24.32 1.00
C GLY A 153 8.67 23.31 0.45
N ARG A 154 8.93 22.90 -0.80
CA ARG A 154 8.11 21.93 -1.51
C ARG A 154 8.98 21.20 -2.51
N ILE A 155 9.10 19.88 -2.37
CA ILE A 155 9.65 19.04 -3.43
C ILE A 155 8.56 18.08 -3.89
N ILE A 156 8.31 18.08 -5.19
CA ILE A 156 7.23 17.30 -5.77
C ILE A 156 7.77 16.57 -6.99
N THR A 157 7.51 15.28 -7.06
CA THR A 157 8.03 14.46 -8.14
C THR A 157 6.91 13.74 -8.87
N ILE A 158 6.97 13.77 -10.20
CA ILE A 158 5.93 13.16 -11.04
C ILE A 158 6.34 11.70 -11.23
N GLY A 159 5.67 10.81 -10.50
CA GLY A 159 5.91 9.37 -10.64
C GLY A 159 5.02 8.76 -11.71
N SER A 160 4.54 7.55 -11.47
CA SER A 160 3.65 6.93 -12.44
C SER A 160 2.97 5.75 -11.76
N VAL A 161 1.70 5.52 -12.12
CA VAL A 161 1.00 4.33 -11.63
C VAL A 161 1.88 3.10 -11.79
N VAL A 162 2.72 3.10 -12.83
CA VAL A 162 3.55 1.94 -13.15
C VAL A 162 4.41 1.52 -11.96
N GLY A 163 4.90 2.51 -11.19
CA GLY A 163 5.77 2.20 -10.07
C GLY A 163 5.06 1.45 -8.97
N THR A 164 3.76 1.64 -8.84
CA THR A 164 2.93 1.01 -7.83
C THR A 164 2.33 -0.31 -8.30
N MET A 165 2.05 -0.41 -9.59
CA MET A 165 1.34 -1.55 -10.18
C MET A 165 2.26 -2.49 -10.97
N GLY A 166 3.36 -1.99 -11.54
CA GLY A 166 4.24 -2.78 -12.35
C GLY A 166 3.65 -2.91 -13.74
N ASN A 167 4.49 -3.03 -14.77
CA ASN A 167 3.97 -3.12 -16.12
C ASN A 167 4.92 -3.90 -17.01
N ALA A 168 4.39 -4.94 -17.65
CA ALA A 168 5.20 -5.78 -18.52
C ALA A 168 5.75 -4.94 -19.65
N GLY A 169 7.03 -5.12 -19.97
CA GLY A 169 7.72 -4.27 -20.89
C GLY A 169 8.21 -2.95 -20.32
N GLN A 170 8.09 -2.72 -19.01
CA GLN A 170 8.51 -1.44 -18.43
C GLN A 170 9.16 -1.64 -17.07
N ALA A 171 9.97 -2.70 -16.92
CA ALA A 171 10.56 -2.94 -15.61
C ALA A 171 11.58 -1.86 -15.25
N ASN A 172 12.21 -1.23 -16.24
CA ASN A 172 13.15 -0.15 -15.93
C ASN A 172 12.38 1.08 -15.45
N TYR A 173 11.33 1.46 -16.16
CA TYR A 173 10.45 2.52 -15.70
C TYR A 173 9.92 2.21 -14.31
N ALA A 174 9.44 0.99 -14.10
CA ALA A 174 8.80 0.66 -12.83
C ALA A 174 9.78 0.73 -11.67
N ALA A 175 11.04 0.34 -11.89
CA ALA A 175 12.02 0.48 -10.83
C ALA A 175 12.24 1.94 -10.49
N ALA A 176 12.38 2.77 -11.53
CA ALA A 176 12.68 4.18 -11.31
C ALA A 176 11.53 4.89 -10.62
N LYS A 177 10.31 4.69 -11.12
CA LYS A 177 9.16 5.35 -10.52
C LYS A 177 8.81 4.80 -9.14
N ALA A 178 9.10 3.52 -8.89
CA ALA A 178 9.00 3.03 -7.52
C ALA A 178 10.07 3.65 -6.65
N GLY A 179 11.30 3.69 -7.16
CA GLY A 179 12.42 4.14 -6.34
C GLY A 179 12.33 5.59 -5.95
N LEU A 180 11.75 6.43 -6.80
CA LEU A 180 11.57 7.82 -6.40
C LEU A 180 10.60 7.96 -5.23
N ILE A 181 9.74 6.97 -5.00
CA ILE A 181 8.88 7.04 -3.82
C ILE A 181 9.68 6.73 -2.57
N GLY A 182 10.51 5.68 -2.62
CA GLY A 182 11.33 5.35 -1.47
C GLY A 182 12.32 6.46 -1.15
N PHE A 183 12.88 7.08 -2.19
CA PHE A 183 13.66 8.30 -1.98
C PHE A 183 12.83 9.36 -1.27
N SER A 184 11.69 9.74 -1.87
CA SER A 184 10.88 10.81 -1.32
C SER A 184 10.56 10.58 0.15
N LYS A 185 10.24 9.34 0.51
CA LYS A 185 9.84 9.07 1.89
C LYS A 185 10.96 9.41 2.85
N SER A 186 12.11 8.71 2.73
CA SER A 186 13.30 9.03 3.51
C SER A 186 13.58 10.53 3.54
N LEU A 187 13.70 11.16 2.38
CA LEU A 187 13.94 12.60 2.37
C LEU A 187 12.86 13.32 3.15
N ALA A 188 11.59 12.92 2.97
CA ALA A 188 10.52 13.60 3.70
C ALA A 188 10.72 13.48 5.22
N ARG A 189 11.29 12.36 5.68
CA ARG A 189 11.60 12.23 7.11
C ARG A 189 12.75 13.16 7.52
N GLU A 190 13.72 13.40 6.64
CA GLU A 190 14.87 14.19 7.03
C GLU A 190 14.52 15.66 7.18
N VAL A 191 13.48 16.12 6.51
CA VAL A 191 13.18 17.54 6.38
C VAL A 191 11.78 17.89 6.85
N ALA A 192 11.02 16.93 7.38
CA ALA A 192 9.66 17.24 7.81
C ALA A 192 9.66 18.30 8.90
N SER A 193 10.56 18.16 9.88
CA SER A 193 10.52 19.03 11.06
C SER A 193 10.76 20.50 10.73
N ARG A 194 11.31 20.81 9.55
CA ARG A 194 11.56 22.17 9.14
C ARG A 194 10.65 22.64 8.02
N GLY A 195 9.36 22.30 8.09
CA GLY A 195 8.35 22.93 7.24
C GLY A 195 8.46 22.65 5.74
N ILE A 196 9.19 21.61 5.36
CA ILE A 196 9.30 21.18 3.96
C ILE A 196 8.52 19.88 3.76
N THR A 197 7.73 19.81 2.72
CA THR A 197 7.07 18.57 2.35
C THR A 197 7.74 17.99 1.11
N VAL A 198 7.64 16.67 0.95
CA VAL A 198 8.22 15.95 -0.19
C VAL A 198 7.22 14.88 -0.59
N ASN A 199 6.60 15.03 -1.77
CA ASN A 199 5.49 14.20 -2.19
C ASN A 199 5.64 13.76 -3.64
N VAL A 200 4.79 12.84 -4.05
CA VAL A 200 4.80 12.29 -5.39
C VAL A 200 3.38 12.32 -5.96
N VAL A 201 3.23 12.88 -7.15
CA VAL A 201 1.99 12.74 -7.89
C VAL A 201 2.18 11.64 -8.90
N ALA A 202 1.31 10.63 -8.87
CA ALA A 202 1.51 9.41 -9.66
C ALA A 202 0.40 9.33 -10.69
N PRO A 203 0.65 9.77 -11.92
CA PRO A 203 -0.42 9.81 -12.92
C PRO A 203 -0.65 8.45 -13.51
N GLY A 204 -1.89 8.24 -13.98
CA GLY A 204 -2.17 7.04 -14.73
C GLY A 204 -1.84 7.22 -16.20
N PHE A 205 -2.79 6.87 -17.09
CA PHE A 205 -2.66 7.11 -18.51
C PHE A 205 -3.07 8.55 -18.79
N ILE A 206 -2.15 9.38 -19.26
CA ILE A 206 -2.41 10.78 -19.58
C ILE A 206 -2.27 10.94 -21.08
N GLU A 207 -3.27 11.55 -21.71
CA GLU A 207 -3.26 11.74 -23.16
C GLU A 207 -2.07 12.61 -23.58
N THR A 208 -1.24 12.07 -24.47
CA THR A 208 -0.06 12.75 -24.97
C THR A 208 -0.02 12.63 -26.48
N ASP A 209 1.07 13.11 -27.07
CA ASP A 209 1.29 12.87 -28.50
C ASP A 209 1.23 11.38 -28.80
N MET A 210 2.00 10.58 -28.06
CA MET A 210 2.17 9.17 -28.41
C MET A 210 0.87 8.38 -28.26
N THR A 211 0.01 8.77 -27.31
CA THR A 211 -1.23 8.03 -27.13
C THR A 211 -2.27 8.39 -28.21
N ARG A 212 -2.22 9.64 -28.71
CA ARG A 212 -3.01 9.95 -29.90
C ARG A 212 -2.52 9.20 -31.13
N ALA A 213 -1.31 8.67 -31.07
CA ALA A 213 -0.69 7.96 -32.18
C ALA A 213 -0.88 6.48 -32.12
N LEU A 214 -1.52 5.99 -31.09
CA LEU A 214 -1.75 4.60 -31.00
C LEU A 214 -2.82 4.17 -31.98
N SER A 215 -2.85 2.89 -32.22
CA SER A 215 -3.84 2.32 -33.07
C SER A 215 -5.14 2.19 -32.37
N ASP A 216 -6.18 1.91 -33.11
CA ASP A 216 -7.47 1.74 -32.50
C ASP A 216 -7.48 0.58 -31.50
N ASP A 217 -6.83 -0.52 -31.81
CA ASP A 217 -6.80 -1.63 -30.91
C ASP A 217 -5.94 -1.48 -29.69
N GLN A 218 -4.90 -0.67 -29.76
CA GLN A 218 -4.08 -0.43 -28.60
C GLN A 218 -4.80 0.45 -27.62
N ARG A 219 -5.47 1.46 -28.13
CA ARG A 219 -6.19 2.43 -27.36
C ARG A 219 -7.29 1.78 -26.62
N ALA A 220 -8.01 0.92 -27.27
CA ALA A 220 -9.05 0.18 -26.59
C ALA A 220 -8.47 -0.59 -25.42
N GLY A 221 -7.26 -1.11 -25.57
CA GLY A 221 -6.64 -1.84 -24.48
C GLY A 221 -6.29 -0.94 -23.32
N ILE A 222 -5.85 0.29 -23.63
CA ILE A 222 -5.58 1.26 -22.57
C ILE A 222 -6.87 1.62 -21.84
N LEU A 223 -7.85 2.12 -22.58
CA LEU A 223 -9.10 2.56 -21.98
C LEU A 223 -9.79 1.47 -21.19
N ALA A 224 -9.54 0.21 -21.52
CA ALA A 224 -10.21 -0.86 -20.80
C ALA A 224 -9.71 -0.97 -19.38
N GLN A 225 -8.48 -0.51 -19.13
CA GLN A 225 -7.89 -0.57 -17.80
C GLN A 225 -8.34 0.56 -16.89
N VAL A 226 -9.12 1.52 -17.38
CA VAL A 226 -9.41 2.75 -16.67
C VAL A 226 -10.90 2.83 -16.42
N PRO A 227 -11.33 2.54 -15.19
CA PRO A 227 -12.76 2.66 -14.87
C PRO A 227 -13.41 3.98 -15.31
N ALA A 228 -12.69 5.10 -15.19
CA ALA A 228 -13.25 6.39 -15.56
C ALA A 228 -13.64 6.49 -17.04
N GLY A 229 -13.07 5.63 -17.89
CA GLY A 229 -13.42 5.57 -19.29
C GLY A 229 -12.85 6.66 -20.19
N ARG A 230 -11.88 7.43 -19.71
CA ARG A 230 -11.23 8.44 -20.53
C ARG A 230 -9.74 8.41 -20.20
N LEU A 231 -8.94 9.05 -21.03
CA LEU A 231 -7.56 9.30 -20.65
C LEU A 231 -7.52 10.61 -19.89
N GLY A 232 -6.58 10.71 -18.96
CA GLY A 232 -6.42 11.92 -18.20
C GLY A 232 -5.80 13.04 -19.03
N GLY A 233 -6.09 14.27 -18.62
CA GLY A 233 -5.52 15.45 -19.23
C GLY A 233 -4.38 15.99 -18.39
N ALA A 234 -3.44 16.65 -19.06
CA ALA A 234 -2.25 17.16 -18.39
C ALA A 234 -2.62 18.11 -17.25
N GLN A 235 -3.64 18.94 -17.44
CA GLN A 235 -4.05 19.86 -16.38
C GLN A 235 -4.44 19.10 -15.12
N GLU A 236 -4.99 17.89 -15.27
CA GLU A 236 -5.38 17.12 -14.09
C GLU A 236 -4.18 16.84 -13.21
N ILE A 237 -3.03 16.53 -13.82
CA ILE A 237 -1.79 16.42 -13.07
C ILE A 237 -1.35 17.79 -12.57
N ALA A 238 -1.44 18.79 -13.44
CA ALA A 238 -1.07 20.15 -13.03
C ALA A 238 -1.86 20.59 -11.80
N SER A 239 -3.18 20.33 -11.77
CA SER A 239 -3.96 20.76 -10.62
C SER A 239 -3.49 20.07 -9.34
N ALA A 240 -3.27 18.75 -9.41
CA ALA A 240 -2.75 18.02 -8.27
C ALA A 240 -1.43 18.60 -7.77
N VAL A 241 -0.52 18.96 -8.69
CA VAL A 241 0.80 19.46 -8.28
C VAL A 241 0.69 20.82 -7.61
N ALA A 242 -0.15 21.71 -8.17
CA ALA A 242 -0.33 23.03 -7.57
C ALA A 242 -0.95 22.92 -6.18
N PHE A 243 -1.85 21.96 -5.96
CA PHE A 243 -2.40 21.78 -4.62
C PHE A 243 -1.30 21.41 -3.65
N LEU A 244 -0.53 20.38 -3.99
CA LEU A 244 0.53 19.91 -3.09
C LEU A 244 1.60 20.98 -2.85
N ALA A 245 1.88 21.82 -3.85
CA ALA A 245 2.84 22.89 -3.69
C ALA A 245 2.28 24.13 -3.00
N SER A 246 0.96 24.20 -2.80
CA SER A 246 0.34 25.35 -2.15
C SER A 246 0.61 25.35 -0.64
N ASP A 247 0.20 26.46 0.00
CA ASP A 247 0.33 26.60 1.45
C ASP A 247 -0.70 25.79 2.21
N GLU A 248 -1.76 25.33 1.53
CA GLU A 248 -2.77 24.49 2.16
C GLU A 248 -2.41 23.01 2.19
N ALA A 249 -1.32 22.59 1.53
CA ALA A 249 -0.92 21.19 1.52
C ALA A 249 0.20 20.92 2.50
N SER A 250 0.32 21.75 3.51
CA SER A 250 1.51 21.75 4.34
C SER A 250 1.61 20.51 5.22
N TYR A 251 0.50 19.81 5.47
CA TYR A 251 0.53 18.67 6.39
C TYR A 251 0.64 17.34 5.66
N ILE A 252 0.97 17.38 4.38
CA ILE A 252 1.12 16.20 3.55
C ILE A 252 2.59 16.07 3.23
N THR A 253 3.28 15.13 3.84
CA THR A 253 4.62 14.81 3.35
C THR A 253 4.78 13.30 3.24
N GLY A 254 5.73 12.88 2.43
CA GLY A 254 5.99 11.47 2.18
C GLY A 254 4.82 10.70 1.59
N GLU A 255 3.91 11.38 0.88
CA GLU A 255 2.68 10.79 0.37
C GLU A 255 2.65 10.80 -1.17
N THR A 256 1.94 9.82 -1.73
CA THR A 256 1.78 9.65 -3.16
C THR A 256 0.32 9.88 -3.53
N LEU A 257 0.07 10.91 -4.35
CA LEU A 257 -1.28 11.26 -4.75
C LEU A 257 -1.55 10.64 -6.11
N HIS A 258 -2.35 9.57 -6.12
CA HIS A 258 -2.62 8.82 -7.35
C HIS A 258 -3.72 9.50 -8.15
N VAL A 259 -3.42 9.77 -9.41
CA VAL A 259 -4.35 10.44 -10.31
C VAL A 259 -4.48 9.58 -11.56
N ASN A 260 -5.22 8.47 -11.46
CA ASN A 260 -5.21 7.48 -12.54
C ASN A 260 -6.61 7.05 -12.97
N GLY A 261 -7.64 7.80 -12.61
CA GLY A 261 -9.00 7.46 -13.01
C GLY A 261 -9.47 6.11 -12.55
N GLY A 262 -8.92 5.58 -11.45
CA GLY A 262 -9.32 4.26 -11.01
C GLY A 262 -8.54 3.11 -11.59
N MET A 263 -7.58 3.37 -12.49
CA MET A 263 -6.73 2.31 -13.03
C MET A 263 -6.19 1.39 -11.94
N TYR A 264 -5.71 1.96 -10.82
CA TYR A 264 -5.21 1.23 -9.67
C TYR A 264 -5.66 1.96 -8.42
N MET A 265 -5.87 1.22 -7.33
CA MET A 265 -6.45 1.81 -6.13
C MET A 265 -5.62 1.48 -4.90
N VAL A 266 -5.23 2.54 -4.18
CA VAL A 266 -4.30 2.54 -3.03
C VAL A 266 -3.03 1.78 -3.41
N MET B 23 13.86 -34.18 -0.18
CA MET B 23 13.17 -33.05 0.45
C MET B 23 12.39 -32.20 -0.58
N SER B 24 12.08 -30.94 -0.21
CA SER B 24 11.19 -30.12 -1.03
C SER B 24 11.83 -29.65 -2.34
N PHE B 25 13.16 -29.55 -2.38
CA PHE B 25 13.87 -28.92 -3.48
C PHE B 25 14.74 -29.89 -4.28
N GLU B 26 14.44 -31.18 -4.21
CA GLU B 26 15.19 -32.20 -4.94
C GLU B 26 15.32 -31.82 -6.41
N GLY B 27 16.53 -31.99 -6.94
CA GLY B 27 16.78 -31.75 -8.35
C GLY B 27 16.81 -30.29 -8.77
N LYS B 28 16.55 -29.36 -7.85
CA LYS B 28 16.57 -27.94 -8.21
C LYS B 28 17.96 -27.35 -7.95
N ILE B 29 18.33 -26.39 -8.79
CA ILE B 29 19.59 -25.68 -8.65
C ILE B 29 19.30 -24.24 -8.27
N ALA B 30 19.95 -23.78 -7.19
CA ALA B 30 19.69 -22.48 -6.59
C ALA B 30 20.96 -21.65 -6.64
N LEU B 31 20.80 -20.37 -6.95
CA LEU B 31 21.89 -19.42 -6.94
C LEU B 31 21.53 -18.36 -5.91
N VAL B 32 22.36 -18.26 -4.86
CA VAL B 32 22.18 -17.32 -3.76
C VAL B 32 23.34 -16.32 -3.77
N THR B 33 23.06 -15.07 -4.12
CA THR B 33 24.12 -14.05 -4.13
C THR B 33 24.26 -13.42 -2.75
N GLY B 34 25.50 -13.02 -2.44
CA GLY B 34 25.89 -12.65 -1.09
C GLY B 34 25.56 -13.70 -0.04
N ALA B 35 26.22 -14.87 -0.10
CA ALA B 35 25.92 -15.98 0.79
C ALA B 35 27.01 -16.23 1.85
N SER B 36 27.89 -15.26 2.09
CA SER B 36 28.99 -15.45 3.01
C SER B 36 28.51 -15.63 4.45
N ARG B 37 27.48 -14.90 4.86
CA ARG B 37 27.10 -14.87 6.26
C ARG B 37 25.68 -14.35 6.35
N GLY B 38 25.17 -14.31 7.57
CA GLY B 38 23.88 -13.69 7.82
C GLY B 38 22.78 -14.32 7.00
N ILE B 39 21.96 -13.47 6.41
CA ILE B 39 20.81 -13.96 5.65
C ILE B 39 21.26 -14.82 4.48
N GLY B 40 22.27 -14.36 3.74
CA GLY B 40 22.73 -15.12 2.58
C GLY B 40 23.12 -16.54 2.94
N ARG B 41 23.89 -16.70 4.02
CA ARG B 41 24.29 -18.04 4.45
C ARG B 41 23.08 -18.83 4.93
N ALA B 42 22.19 -18.20 5.68
CA ALA B 42 21.05 -18.92 6.24
C ALA B 42 20.13 -19.42 5.14
N ILE B 43 19.93 -18.58 4.12
CA ILE B 43 19.19 -18.99 2.93
C ILE B 43 19.86 -20.21 2.29
N ALA B 44 21.16 -20.08 1.97
CA ALA B 44 21.89 -21.17 1.34
C ALA B 44 21.79 -22.46 2.14
N GLU B 45 21.93 -22.38 3.46
CA GLU B 45 21.88 -23.59 4.28
C GLU B 45 20.51 -24.23 4.25
N THR B 46 19.45 -23.42 4.37
CA THR B 46 18.10 -23.98 4.40
C THR B 46 17.78 -24.70 3.11
N LEU B 47 18.22 -24.12 1.99
CA LEU B 47 17.92 -24.71 0.68
C LEU B 47 18.66 -26.04 0.53
N VAL B 48 19.89 -26.12 1.03
CA VAL B 48 20.59 -27.39 1.06
C VAL B 48 19.86 -28.38 1.95
N ALA B 49 19.51 -27.96 3.18
CA ALA B 49 18.77 -28.84 4.08
C ALA B 49 17.58 -29.48 3.38
N ARG B 50 16.92 -28.72 2.50
CA ARG B 50 15.71 -29.18 1.85
C ARG B 50 15.96 -29.70 0.44
N GLY B 51 17.16 -30.21 0.18
CA GLY B 51 17.42 -31.01 -0.99
C GLY B 51 17.95 -30.31 -2.22
N ALA B 52 18.40 -29.06 -2.11
CA ALA B 52 18.85 -28.34 -3.29
C ALA B 52 20.38 -28.32 -3.39
N LYS B 53 20.88 -28.29 -4.62
CA LYS B 53 22.28 -27.94 -4.89
C LYS B 53 22.34 -26.42 -4.99
N VAL B 54 23.19 -25.81 -4.18
CA VAL B 54 23.25 -24.35 -4.02
C VAL B 54 24.60 -23.85 -4.49
N ILE B 55 24.60 -22.74 -5.21
CA ILE B 55 25.81 -22.00 -5.56
C ILE B 55 25.72 -20.66 -4.86
N GLY B 56 26.52 -20.44 -3.82
CA GLY B 56 26.55 -19.17 -3.12
C GLY B 56 27.64 -18.26 -3.67
N THR B 57 27.38 -16.96 -3.66
CA THR B 57 28.41 -16.03 -4.13
C THR B 57 28.86 -15.11 -3.02
N ALA B 58 29.98 -14.47 -3.30
CA ALA B 58 30.70 -13.60 -2.38
C ALA B 58 31.52 -12.65 -3.23
N THR B 59 31.92 -11.54 -2.60
CA THR B 59 32.64 -10.51 -3.33
C THR B 59 34.06 -10.95 -3.68
N SER B 60 34.67 -11.76 -2.82
CA SER B 60 36.08 -12.10 -2.89
C SER B 60 36.27 -13.55 -3.30
N GLU B 61 37.47 -13.86 -3.77
CA GLU B 61 37.81 -15.26 -3.96
C GLU B 61 37.93 -15.97 -2.62
N ASN B 62 38.30 -15.22 -1.58
CA ASN B 62 38.32 -15.77 -0.23
C ASN B 62 36.91 -16.08 0.26
N GLY B 63 35.94 -15.21 -0.07
CA GLY B 63 34.56 -15.49 0.31
C GLY B 63 34.08 -16.78 -0.30
N ALA B 64 34.30 -16.95 -1.60
CA ALA B 64 33.96 -18.20 -2.28
C ALA B 64 34.59 -19.39 -1.58
N LYS B 65 35.85 -19.25 -1.15
CA LYS B 65 36.53 -20.28 -0.38
C LYS B 65 35.65 -20.75 0.76
N ASN B 66 35.31 -19.82 1.66
CA ASN B 66 34.46 -20.17 2.80
C ASN B 66 33.14 -20.73 2.33
N ILE B 67 32.51 -20.09 1.34
CA ILE B 67 31.19 -20.54 0.89
C ILE B 67 31.26 -21.99 0.42
N SER B 68 32.26 -22.32 -0.39
CA SER B 68 32.45 -23.72 -0.78
C SER B 68 32.72 -24.58 0.45
N ASP B 69 33.42 -24.02 1.44
CA ASP B 69 33.76 -24.78 2.63
C ASP B 69 32.51 -25.24 3.36
N TYR B 70 31.52 -24.36 3.52
CA TYR B 70 30.35 -24.81 4.27
C TYR B 70 29.32 -25.53 3.41
N LEU B 71 29.32 -25.32 2.09
CA LEU B 71 28.33 -26.03 1.27
C LEU B 71 28.75 -27.47 0.96
N GLY B 72 30.06 -27.71 0.80
CA GLY B 72 30.52 -29.08 0.63
C GLY B 72 30.07 -29.70 -0.68
N ALA B 73 29.74 -31.00 -0.61
CA ALA B 73 29.28 -31.75 -1.77
C ALA B 73 27.88 -31.35 -2.23
N ASN B 74 27.19 -30.50 -1.48
CA ASN B 74 25.87 -30.00 -1.84
C ASN B 74 25.94 -28.74 -2.69
N GLY B 75 27.12 -28.23 -2.96
CA GLY B 75 27.18 -27.03 -3.76
C GLY B 75 28.60 -26.53 -3.89
N LYS B 76 28.75 -25.22 -3.97
CA LYS B 76 30.03 -24.62 -4.31
C LYS B 76 29.89 -23.12 -4.08
N GLY B 77 31.03 -22.47 -3.84
CA GLY B 77 31.07 -21.04 -3.74
C GLY B 77 31.69 -20.45 -4.99
N LEU B 78 31.30 -19.23 -5.31
CA LEU B 78 31.88 -18.57 -6.46
C LEU B 78 32.00 -17.09 -6.15
N MET B 79 33.02 -16.48 -6.72
CA MET B 79 33.15 -15.03 -6.66
C MET B 79 32.26 -14.42 -7.73
N LEU B 80 31.46 -13.43 -7.35
CA LEU B 80 30.57 -12.77 -8.30
C LEU B 80 30.52 -11.28 -7.99
N ASN B 81 30.79 -10.46 -9.00
CA ASN B 81 30.66 -9.01 -8.92
C ASN B 81 29.40 -8.61 -9.67
N VAL B 82 28.32 -8.39 -8.92
CA VAL B 82 26.99 -8.19 -9.51
C VAL B 82 26.95 -7.00 -10.45
N THR B 83 27.91 -6.07 -10.33
CA THR B 83 27.97 -4.92 -11.21
C THR B 83 28.68 -5.20 -12.54
N ASP B 84 29.35 -6.33 -12.67
CA ASP B 84 30.22 -6.57 -13.82
C ASP B 84 29.63 -7.64 -14.73
N PRO B 85 29.15 -7.28 -15.92
CA PRO B 85 28.57 -8.30 -16.81
C PRO B 85 29.54 -9.42 -17.10
N ALA B 86 30.86 -9.13 -17.04
CA ALA B 86 31.87 -10.14 -17.33
C ALA B 86 31.87 -11.25 -16.29
N SER B 87 31.75 -10.89 -15.01
CA SER B 87 31.74 -11.90 -13.96
C SER B 87 30.39 -12.65 -13.95
N ILE B 88 29.29 -11.95 -14.23
CA ILE B 88 27.98 -12.58 -14.27
C ILE B 88 27.99 -13.75 -15.24
N GLU B 89 28.52 -13.52 -16.44
CA GLU B 89 28.54 -14.58 -17.44
C GLU B 89 29.40 -15.75 -16.96
N SER B 90 30.66 -15.47 -16.63
CA SER B 90 31.57 -16.50 -16.11
C SER B 90 30.90 -17.35 -15.04
N VAL B 91 30.30 -16.71 -14.03
CA VAL B 91 29.62 -17.47 -12.98
C VAL B 91 28.55 -18.37 -13.57
N LEU B 92 27.74 -17.85 -14.51
CA LEU B 92 26.64 -18.65 -15.07
C LEU B 92 27.17 -19.84 -15.90
N GLU B 93 28.20 -19.60 -16.72
CA GLU B 93 28.85 -20.71 -17.43
C GLU B 93 29.27 -21.82 -16.47
N ASN B 94 29.96 -21.46 -15.38
CA ASN B 94 30.41 -22.46 -14.43
C ASN B 94 29.24 -23.17 -13.76
N ILE B 95 28.18 -22.43 -13.43
CA ILE B 95 27.02 -23.07 -12.84
C ILE B 95 26.38 -24.04 -13.84
N ARG B 96 26.23 -23.61 -15.10
CA ARG B 96 25.65 -24.50 -16.10
C ARG B 96 26.54 -25.71 -16.33
N ALA B 97 27.86 -25.48 -16.37
CA ALA B 97 28.79 -26.59 -16.51
C ALA B 97 28.61 -27.59 -15.37
N GLU B 98 28.89 -27.15 -14.15
CA GLU B 98 29.05 -28.11 -13.06
C GLU B 98 27.71 -28.60 -12.51
N PHE B 99 26.65 -27.83 -12.68
CA PHE B 99 25.38 -28.21 -12.05
C PHE B 99 24.25 -28.31 -13.06
N GLY B 100 24.02 -27.27 -13.85
CA GLY B 100 22.88 -27.21 -14.71
C GLY B 100 22.32 -25.81 -14.73
N GLU B 101 21.04 -25.69 -15.08
CA GLU B 101 20.39 -24.40 -15.24
C GLU B 101 19.83 -23.95 -13.90
N VAL B 102 20.11 -22.69 -13.52
CA VAL B 102 19.61 -22.12 -12.27
C VAL B 102 18.09 -22.18 -12.25
N ASP B 103 17.54 -22.92 -11.28
CA ASP B 103 16.11 -22.94 -11.04
C ASP B 103 15.67 -21.83 -10.11
N ILE B 104 16.53 -21.37 -9.22
CA ILE B 104 16.14 -20.45 -8.15
C ILE B 104 17.21 -19.38 -8.02
N LEU B 105 16.83 -18.13 -8.22
CA LEU B 105 17.73 -16.99 -8.03
C LEU B 105 17.24 -16.23 -6.82
N VAL B 106 18.09 -16.12 -5.82
CA VAL B 106 17.84 -15.31 -4.65
C VAL B 106 18.85 -14.15 -4.71
N ASN B 107 18.33 -12.93 -4.87
CA ASN B 107 19.15 -11.71 -4.99
C ASN B 107 19.32 -11.05 -3.63
N ASN B 108 20.48 -11.30 -2.97
CA ASN B 108 20.75 -10.79 -1.63
C ASN B 108 22.08 -10.05 -1.57
N ALA B 109 22.45 -9.34 -2.63
CA ALA B 109 23.71 -8.62 -2.64
C ALA B 109 23.43 -7.15 -2.36
N GLY B 110 23.07 -6.85 -1.12
CA GLY B 110 22.82 -5.49 -0.69
C GLY B 110 23.98 -4.93 0.10
N ILE B 111 24.19 -3.61 -0.01
CA ILE B 111 25.15 -2.88 0.81
C ILE B 111 24.47 -1.64 1.35
N THR B 112 25.24 -0.84 2.09
CA THR B 112 24.75 0.36 2.73
C THR B 112 25.82 1.45 2.63
N ARG B 113 25.36 2.68 2.53
CA ARG B 113 26.15 3.90 2.49
C ARG B 113 25.31 5.00 3.10
N ASP B 114 24.91 4.89 4.34
CA ASP B 114 24.05 5.90 4.93
C ASP B 114 24.69 7.24 5.05
N ASN B 115 23.85 8.25 4.91
CA ASN B 115 24.16 9.65 5.06
C ASN B 115 22.90 10.43 4.81
N LEU B 116 22.84 11.63 5.35
CA LEU B 116 21.71 12.50 5.13
C LEU B 116 21.90 13.12 3.75
N LEU B 117 20.82 13.59 3.16
CA LEU B 117 20.90 14.06 1.81
C LEU B 117 21.87 15.19 1.58
N MET B 118 21.97 16.08 2.53
CA MET B 118 22.89 17.13 2.47
C MET B 118 24.32 16.63 2.42
N ARG B 119 24.66 15.57 3.11
CA ARG B 119 26.01 15.04 3.05
C ARG B 119 26.23 13.80 2.18
N MET B 120 25.27 13.38 1.40
CA MET B 120 25.42 12.17 0.60
C MET B 120 26.25 12.46 -0.64
N LYS B 121 27.29 11.67 -0.83
CA LYS B 121 28.17 11.85 -1.98
C LYS B 121 27.55 11.22 -3.21
N ASP B 122 27.72 11.88 -4.36
CA ASP B 122 27.31 11.33 -5.65
C ASP B 122 27.68 9.86 -5.74
N ASP B 123 28.85 9.51 -5.21
CA ASP B 123 29.33 8.14 -5.26
C ASP B 123 28.55 7.23 -4.32
N GLU B 124 28.12 7.75 -3.17
CA GLU B 124 27.34 6.91 -2.26
C GLU B 124 25.98 6.57 -2.85
N TRP B 125 25.38 7.52 -3.58
CA TRP B 125 24.16 7.22 -4.32
C TRP B 125 24.40 6.14 -5.37
N ASN B 126 25.36 6.37 -6.26
CA ASN B 126 25.52 5.49 -7.41
C ASN B 126 25.83 4.06 -6.97
N ASP B 127 26.75 3.90 -6.02
CA ASP B 127 27.11 2.55 -5.57
C ASP B 127 25.91 1.80 -5.06
N ILE B 128 25.04 2.46 -4.31
CA ILE B 128 23.87 1.79 -3.75
C ILE B 128 22.91 1.38 -4.87
N ILE B 129 22.69 2.29 -5.82
CA ILE B 129 21.78 1.99 -6.93
C ILE B 129 22.31 0.84 -7.76
N GLU B 130 23.61 0.85 -8.05
CA GLU B 130 24.22 -0.24 -8.79
C GLU B 130 24.09 -1.56 -8.04
N THR B 131 24.61 -1.62 -6.82
CA THR B 131 24.71 -2.87 -6.10
C THR B 131 23.34 -3.42 -5.71
N ASN B 132 22.43 -2.55 -5.30
CA ASN B 132 21.22 -3.03 -4.66
C ASN B 132 20.01 -3.10 -5.58
N LEU B 133 19.99 -2.33 -6.66
CA LEU B 133 18.87 -2.31 -7.60
C LEU B 133 19.26 -2.84 -8.96
N SER B 134 20.17 -2.15 -9.66
CA SER B 134 20.61 -2.58 -10.99
C SER B 134 21.18 -4.01 -10.98
N SER B 135 21.64 -4.50 -9.83
CA SER B 135 22.09 -5.88 -9.75
C SER B 135 20.95 -6.85 -10.00
N VAL B 136 19.78 -6.56 -9.42
CA VAL B 136 18.59 -7.38 -9.64
C VAL B 136 18.23 -7.45 -11.12
N PHE B 137 18.49 -6.38 -11.86
CA PHE B 137 18.16 -6.36 -13.28
C PHE B 137 19.07 -7.30 -14.05
N ARG B 138 20.38 -7.19 -13.82
CA ARG B 138 21.34 -8.01 -14.56
C ARG B 138 21.20 -9.49 -14.23
N LEU B 139 21.06 -9.82 -12.95
CA LEU B 139 21.06 -11.23 -12.58
C LEU B 139 19.75 -11.89 -12.97
N SER B 140 18.63 -11.23 -12.68
CA SER B 140 17.36 -11.77 -13.15
C SER B 140 17.36 -11.96 -14.66
N LYS B 141 17.81 -10.95 -15.41
CA LYS B 141 17.84 -11.08 -16.87
C LYS B 141 18.66 -12.30 -17.29
N ALA B 142 19.72 -12.60 -16.55
CA ALA B 142 20.66 -13.61 -17.02
C ALA B 142 20.14 -15.01 -16.81
N VAL B 143 19.31 -15.23 -15.79
CA VAL B 143 18.82 -16.56 -15.46
C VAL B 143 17.45 -16.82 -16.05
N MET B 144 16.84 -15.83 -16.68
CA MET B 144 15.42 -15.88 -16.99
C MET B 144 15.12 -16.78 -18.19
N ARG B 145 15.93 -16.68 -19.26
CA ARG B 145 15.64 -17.41 -20.48
C ARG B 145 15.47 -18.89 -20.21
N ALA B 146 16.40 -19.48 -19.44
CA ALA B 146 16.30 -20.90 -19.16
C ALA B 146 15.04 -21.23 -18.36
N MET B 147 14.64 -20.33 -17.46
CA MET B 147 13.46 -20.59 -16.64
C MET B 147 12.21 -20.65 -17.51
N MET B 148 12.13 -19.76 -18.50
CA MET B 148 10.97 -19.80 -19.40
C MET B 148 11.02 -20.99 -20.34
N LYS B 149 12.22 -21.43 -20.72
CA LYS B 149 12.31 -22.61 -21.56
C LYS B 149 11.77 -23.84 -20.83
N LYS B 150 11.94 -23.90 -19.51
CA LYS B 150 11.43 -25.02 -18.74
C LYS B 150 10.06 -24.74 -18.12
N ARG B 151 9.52 -23.54 -18.31
CA ARG B 151 8.22 -23.13 -17.75
C ARG B 151 8.15 -23.38 -16.25
N CYS B 152 9.25 -23.07 -15.56
CA CYS B 152 9.24 -23.16 -14.10
C CYS B 152 10.44 -22.40 -13.55
N GLY B 153 10.23 -21.70 -12.43
CA GLY B 153 11.34 -20.96 -11.85
C GLY B 153 10.94 -20.13 -10.65
N ARG B 154 11.96 -19.51 -10.06
CA ARG B 154 11.80 -18.69 -8.86
C ARG B 154 12.84 -17.57 -8.89
N ILE B 155 12.37 -16.33 -8.81
CA ILE B 155 13.25 -15.21 -8.54
C ILE B 155 12.75 -14.54 -7.27
N ILE B 156 13.62 -14.44 -6.28
CA ILE B 156 13.29 -13.86 -4.98
C ILE B 156 14.38 -12.86 -4.67
N THR B 157 14.00 -11.63 -4.36
CA THR B 157 14.98 -10.62 -4.01
C THR B 157 14.79 -10.21 -2.56
N ILE B 158 15.91 -9.98 -1.86
CA ILE B 158 15.87 -9.52 -0.47
C ILE B 158 15.90 -8.01 -0.51
N GLY B 159 14.77 -7.40 -0.15
CA GLY B 159 14.63 -5.98 -0.02
C GLY B 159 14.76 -5.56 1.43
N SER B 160 13.96 -4.58 1.83
CA SER B 160 13.96 -4.07 3.20
C SER B 160 12.73 -3.23 3.46
N VAL B 161 12.25 -3.29 4.70
CA VAL B 161 11.22 -2.40 5.22
C VAL B 161 11.52 -0.96 4.84
N VAL B 162 12.80 -0.61 4.79
CA VAL B 162 13.23 0.74 4.45
C VAL B 162 12.66 1.17 3.12
N GLY B 163 12.55 0.24 2.16
CA GLY B 163 12.00 0.54 0.86
C GLY B 163 10.52 0.82 0.86
N THR B 164 9.83 0.41 1.90
CA THR B 164 8.39 0.63 2.03
C THR B 164 8.08 1.80 2.93
N MET B 165 8.74 1.89 4.09
CA MET B 165 8.50 2.99 5.01
C MET B 165 9.42 4.19 4.79
N GLY B 166 10.63 3.98 4.27
CA GLY B 166 11.57 5.07 4.13
C GLY B 166 12.26 5.34 5.45
N ASN B 167 13.45 5.94 5.40
CA ASN B 167 14.24 6.08 6.62
C ASN B 167 15.30 7.15 6.40
N ALA B 168 15.35 8.11 7.32
CA ALA B 168 16.32 9.20 7.23
C ALA B 168 17.75 8.67 7.27
N GLY B 169 18.58 9.21 6.38
CA GLY B 169 19.94 8.74 6.24
C GLY B 169 20.07 7.56 5.33
N GLN B 170 18.97 7.05 4.79
CA GLN B 170 19.01 5.91 3.89
C GLN B 170 18.17 6.18 2.65
N ALA B 171 18.23 7.39 2.14
CA ALA B 171 17.49 7.69 0.93
C ALA B 171 18.04 6.93 -0.28
N ASN B 172 19.33 6.60 -0.30
CA ASN B 172 19.84 5.81 -1.41
C ASN B 172 19.41 4.35 -1.29
N TYR B 173 19.62 3.76 -0.10
CA TYR B 173 19.18 2.40 0.16
C TYR B 173 17.69 2.23 -0.10
N ALA B 174 16.88 3.24 0.26
CA ALA B 174 15.43 3.08 0.15
C ALA B 174 14.96 3.25 -1.29
N ALA B 175 15.63 4.12 -2.06
CA ALA B 175 15.34 4.19 -3.48
C ALA B 175 15.53 2.83 -4.13
N ALA B 176 16.62 2.14 -3.75
CA ALA B 176 16.92 0.85 -4.35
C ALA B 176 15.96 -0.22 -3.86
N LYS B 177 15.84 -0.35 -2.54
CA LYS B 177 14.98 -1.38 -1.95
C LYS B 177 13.54 -1.25 -2.41
N ALA B 178 13.07 -0.01 -2.63
CA ALA B 178 11.76 0.20 -3.22
C ALA B 178 11.80 -0.08 -4.71
N GLY B 179 12.90 0.30 -5.36
CA GLY B 179 12.98 0.14 -6.79
C GLY B 179 12.89 -1.30 -7.22
N LEU B 180 13.53 -2.21 -6.45
CA LEU B 180 13.52 -3.61 -6.85
C LEU B 180 12.12 -4.20 -6.72
N ILE B 181 11.22 -3.56 -5.98
CA ILE B 181 9.85 -4.03 -5.94
C ILE B 181 9.10 -3.66 -7.22
N GLY B 182 9.32 -2.44 -7.73
CA GLY B 182 8.76 -2.08 -9.03
C GLY B 182 9.25 -3.00 -10.12
N PHE B 183 10.55 -3.32 -10.08
CA PHE B 183 11.11 -4.28 -11.04
C PHE B 183 10.43 -5.63 -10.92
N SER B 184 10.30 -6.14 -9.69
CA SER B 184 9.69 -7.45 -9.49
C SER B 184 8.23 -7.49 -9.96
N LYS B 185 7.46 -6.43 -9.68
CA LYS B 185 6.07 -6.40 -10.14
C LYS B 185 5.96 -6.48 -11.66
N SER B 186 6.81 -5.73 -12.35
CA SER B 186 6.82 -5.82 -13.80
C SER B 186 7.26 -7.20 -14.25
N LEU B 187 8.41 -7.67 -13.74
CA LEU B 187 8.94 -8.95 -14.20
C LEU B 187 7.93 -10.06 -13.97
N ALA B 188 7.31 -10.07 -12.79
CA ALA B 188 6.27 -11.04 -12.49
C ALA B 188 5.20 -11.07 -13.57
N ARG B 189 4.75 -9.89 -14.01
CA ARG B 189 3.71 -9.81 -15.03
C ARG B 189 4.18 -10.35 -16.38
N GLU B 190 5.49 -10.25 -16.67
CA GLU B 190 6.02 -10.72 -17.94
C GLU B 190 6.09 -12.24 -17.99
N VAL B 191 6.31 -12.89 -16.84
CA VAL B 191 6.64 -14.30 -16.85
C VAL B 191 5.66 -15.14 -16.04
N ALA B 192 4.54 -14.55 -15.62
CA ALA B 192 3.57 -15.33 -14.85
C ALA B 192 2.98 -16.44 -15.68
N SER B 193 2.73 -16.17 -16.96
CA SER B 193 2.07 -17.12 -17.84
C SER B 193 2.86 -18.40 -17.96
N ARG B 194 4.14 -18.37 -17.55
CA ARG B 194 5.06 -19.45 -17.83
C ARG B 194 5.56 -20.12 -16.56
N GLY B 195 4.74 -20.11 -15.53
CA GLY B 195 5.05 -20.91 -14.37
C GLY B 195 6.16 -20.39 -13.48
N ILE B 196 6.56 -19.13 -13.66
CA ILE B 196 7.62 -18.51 -12.89
C ILE B 196 7.00 -17.51 -11.93
N THR B 197 7.55 -17.41 -10.72
CA THR B 197 7.13 -16.40 -9.77
C THR B 197 8.28 -15.43 -9.49
N VAL B 198 7.93 -14.17 -9.25
CA VAL B 198 8.90 -13.15 -8.92
C VAL B 198 8.37 -12.40 -7.70
N ASN B 199 9.11 -12.49 -6.59
CA ASN B 199 8.66 -12.02 -5.28
C ASN B 199 9.83 -11.37 -4.52
N VAL B 200 9.47 -10.62 -3.48
CA VAL B 200 10.41 -9.91 -2.62
C VAL B 200 10.14 -10.27 -1.17
N VAL B 201 11.21 -10.49 -0.40
CA VAL B 201 11.10 -10.65 1.04
C VAL B 201 11.72 -9.41 1.69
N ALA B 202 10.97 -8.77 2.60
CA ALA B 202 11.38 -7.49 3.18
C ALA B 202 11.72 -7.60 4.67
N PRO B 203 12.98 -7.76 5.04
CA PRO B 203 13.33 -7.84 6.47
C PRO B 203 13.24 -6.47 7.13
N GLY B 204 12.71 -6.46 8.34
CA GLY B 204 12.92 -5.31 9.20
C GLY B 204 14.31 -5.31 9.81
N PHE B 205 14.40 -5.20 11.14
CA PHE B 205 15.69 -5.24 11.82
C PHE B 205 16.11 -6.69 12.04
N ILE B 206 17.16 -7.14 11.37
CA ILE B 206 17.66 -8.51 11.54
C ILE B 206 18.97 -8.46 12.29
N GLU B 207 19.15 -9.40 13.21
CA GLU B 207 20.35 -9.45 14.06
C GLU B 207 21.55 -9.85 13.23
N THR B 208 22.52 -8.95 13.12
CA THR B 208 23.80 -9.22 12.49
C THR B 208 24.92 -8.93 13.48
N ASP B 209 26.15 -9.24 13.05
CA ASP B 209 27.31 -8.87 13.87
C ASP B 209 27.39 -7.38 14.03
N MET B 210 27.00 -6.63 13.00
CA MET B 210 26.93 -5.18 13.11
C MET B 210 26.01 -4.75 14.24
N THR B 211 24.80 -5.36 14.33
CA THR B 211 23.87 -4.94 15.37
C THR B 211 24.33 -5.38 16.76
N ARG B 212 24.86 -6.60 16.87
CA ARG B 212 25.38 -7.08 18.15
C ARG B 212 26.40 -6.13 18.74
N ALA B 213 27.16 -5.44 17.89
CA ALA B 213 28.20 -4.53 18.32
C ALA B 213 27.68 -3.18 18.81
N LEU B 214 26.36 -3.01 18.97
CA LEU B 214 25.81 -1.70 19.28
C LEU B 214 25.72 -1.49 20.79
N SER B 215 25.78 -0.22 21.19
CA SER B 215 25.58 0.14 22.58
C SER B 215 24.21 -0.31 23.08
N ASP B 216 24.09 -0.46 24.40
CA ASP B 216 22.80 -0.80 24.99
C ASP B 216 21.75 0.24 24.63
N ASP B 217 22.14 1.52 24.55
CA ASP B 217 21.21 2.56 24.14
C ASP B 217 20.72 2.35 22.71
N GLN B 218 21.62 1.97 21.81
CA GLN B 218 21.23 1.79 20.43
C GLN B 218 20.28 0.62 20.28
N ARG B 219 20.65 -0.53 20.86
CA ARG B 219 19.78 -1.69 20.73
C ARG B 219 18.43 -1.46 21.41
N ALA B 220 18.38 -0.59 22.42
CA ALA B 220 17.09 -0.20 22.98
C ALA B 220 16.28 0.59 21.94
N GLY B 221 16.91 1.56 21.29
CA GLY B 221 16.19 2.38 20.33
C GLY B 221 15.63 1.55 19.20
N ILE B 222 16.37 0.52 18.77
CA ILE B 222 15.86 -0.35 17.70
C ILE B 222 14.66 -1.13 18.22
N LEU B 223 14.80 -1.75 19.41
CA LEU B 223 13.71 -2.54 19.95
C LEU B 223 12.44 -1.72 20.19
N ALA B 224 12.56 -0.42 20.43
CA ALA B 224 11.35 0.37 20.59
C ALA B 224 10.54 0.39 19.30
N GLN B 225 11.21 0.29 18.14
CA GLN B 225 10.51 0.34 16.86
C GLN B 225 9.84 -0.97 16.49
N VAL B 226 10.07 -2.06 17.21
CA VAL B 226 9.67 -3.39 16.79
C VAL B 226 8.71 -3.96 17.82
N PRO B 227 7.41 -3.95 17.55
CA PRO B 227 6.45 -4.49 18.52
C PRO B 227 6.79 -5.86 19.06
N ALA B 228 7.52 -6.69 18.32
CA ALA B 228 7.80 -8.06 18.77
C ALA B 228 8.84 -8.12 19.88
N GLY B 229 9.44 -6.98 20.23
CA GLY B 229 10.38 -6.91 21.31
C GLY B 229 11.77 -7.42 21.01
N ARG B 230 12.03 -7.91 19.80
CA ARG B 230 13.32 -8.51 19.49
C ARG B 230 13.76 -8.11 18.09
N LEU B 231 15.02 -8.40 17.79
CA LEU B 231 15.53 -8.40 16.41
C LEU B 231 15.21 -9.73 15.74
N GLY B 232 14.89 -9.68 14.45
CA GLY B 232 14.70 -10.91 13.71
C GLY B 232 16.01 -11.66 13.53
N GLY B 233 15.89 -12.95 13.25
CA GLY B 233 17.05 -13.78 12.96
C GLY B 233 17.19 -14.07 11.48
N ALA B 234 18.44 -14.18 11.02
CA ALA B 234 18.73 -14.58 9.65
C ALA B 234 17.90 -15.79 9.22
N GLN B 235 17.80 -16.78 10.09
CA GLN B 235 17.03 -17.97 9.74
C GLN B 235 15.57 -17.62 9.47
N GLU B 236 15.04 -16.65 10.19
CA GLU B 236 13.64 -16.30 9.97
C GLU B 236 13.43 -15.79 8.55
N ILE B 237 14.34 -14.95 8.04
CA ILE B 237 14.29 -14.54 6.65
C ILE B 237 14.41 -15.75 5.72
N ALA B 238 15.40 -16.60 5.96
CA ALA B 238 15.57 -17.80 5.15
C ALA B 238 14.30 -18.63 5.07
N SER B 239 13.57 -18.77 6.18
CA SER B 239 12.36 -19.59 6.15
C SER B 239 11.31 -19.00 5.22
N ALA B 240 11.22 -17.66 5.19
CA ALA B 240 10.33 -17.00 4.23
C ALA B 240 10.80 -17.23 2.80
N VAL B 241 12.10 -17.14 2.55
CA VAL B 241 12.62 -17.43 1.22
C VAL B 241 12.33 -18.87 0.85
N ALA B 242 12.65 -19.80 1.75
CA ALA B 242 12.44 -21.21 1.45
C ALA B 242 10.98 -21.47 1.10
N PHE B 243 10.06 -20.80 1.80
CA PHE B 243 8.65 -20.99 1.49
C PHE B 243 8.33 -20.52 0.07
N LEU B 244 8.73 -19.28 -0.26
CA LEU B 244 8.43 -18.74 -1.58
C LEU B 244 9.10 -19.55 -2.69
N ALA B 245 10.28 -20.10 -2.44
CA ALA B 245 10.93 -20.89 -3.47
C ALA B 245 10.26 -22.24 -3.69
N SER B 246 9.37 -22.66 -2.77
CA SER B 246 8.78 -23.99 -2.78
C SER B 246 7.63 -24.10 -3.78
N ASP B 247 7.16 -25.33 -3.99
CA ASP B 247 5.98 -25.55 -4.83
C ASP B 247 4.70 -25.11 -4.15
N GLU B 248 4.73 -24.83 -2.86
CA GLU B 248 3.56 -24.33 -2.14
C GLU B 248 3.37 -22.82 -2.29
N ALA B 249 4.22 -22.13 -3.06
CA ALA B 249 4.05 -20.71 -3.31
C ALA B 249 3.93 -20.41 -4.79
N SER B 250 3.44 -21.36 -5.58
CA SER B 250 3.46 -21.16 -7.02
C SER B 250 2.34 -20.23 -7.50
N TYR B 251 1.35 -20.00 -6.63
CA TYR B 251 0.30 -19.01 -6.91
C TYR B 251 0.59 -17.67 -6.25
N ILE B 252 1.83 -17.42 -5.83
CA ILE B 252 2.25 -16.15 -5.28
C ILE B 252 3.30 -15.54 -6.20
N THR B 253 2.98 -14.39 -6.79
CA THR B 253 3.94 -13.67 -7.63
C THR B 253 3.63 -12.18 -7.55
N GLY B 254 4.66 -11.37 -7.76
CA GLY B 254 4.53 -9.92 -7.63
C GLY B 254 4.33 -9.41 -6.21
N GLU B 255 4.60 -10.23 -5.20
CA GLU B 255 4.20 -9.92 -3.84
C GLU B 255 5.42 -9.59 -3.00
N THR B 256 5.22 -8.77 -1.98
CA THR B 256 6.25 -8.53 -0.97
C THR B 256 5.83 -9.24 0.29
N LEU B 257 6.76 -9.93 0.94
CA LEU B 257 6.50 -10.60 2.21
C LEU B 257 7.31 -9.90 3.30
N HIS B 258 6.61 -9.16 4.16
CA HIS B 258 7.25 -8.35 5.19
C HIS B 258 7.52 -9.19 6.43
N VAL B 259 8.80 -9.29 6.81
CA VAL B 259 9.19 -10.04 8.01
C VAL B 259 9.95 -9.06 8.89
N ASN B 260 9.22 -8.29 9.70
CA ASN B 260 9.78 -7.19 10.47
C ASN B 260 9.15 -7.08 11.87
N GLY B 261 8.69 -8.19 12.43
CA GLY B 261 8.08 -8.20 13.75
C GLY B 261 7.09 -7.09 14.03
N GLY B 262 6.39 -6.59 13.01
CA GLY B 262 5.36 -5.61 13.21
C GLY B 262 5.85 -4.18 13.24
N MET B 263 7.12 -3.96 12.93
CA MET B 263 7.68 -2.63 12.93
C MET B 263 6.96 -1.72 11.95
N TYR B 264 6.50 -2.30 10.83
CA TYR B 264 5.68 -1.62 9.85
C TYR B 264 4.58 -2.58 9.41
N MET B 265 3.44 -2.05 9.00
CA MET B 265 2.35 -2.97 8.68
C MET B 265 1.73 -2.68 7.33
N VAL B 266 1.75 -3.72 6.48
CA VAL B 266 1.23 -3.79 5.09
C VAL B 266 1.99 -2.84 4.18
N MET C 23 9.55 -28.67 12.07
CA MET C 23 8.46 -27.72 11.86
C MET C 23 7.10 -28.38 11.90
N SER C 24 6.91 -29.16 12.97
CA SER C 24 5.66 -29.81 13.27
C SER C 24 4.76 -28.89 14.09
N PHE C 25 3.47 -29.23 14.13
CA PHE C 25 2.52 -28.56 15.01
C PHE C 25 2.15 -29.43 16.20
N GLU C 26 3.09 -30.26 16.65
CA GLU C 26 2.85 -31.20 17.73
C GLU C 26 2.48 -30.47 19.01
N GLY C 27 1.49 -31.00 19.72
CA GLY C 27 0.99 -30.35 20.92
C GLY C 27 0.15 -29.13 20.69
N LYS C 28 -0.06 -28.72 19.44
CA LYS C 28 -0.82 -27.52 19.14
C LYS C 28 -2.26 -27.88 18.81
N ILE C 29 -3.16 -26.98 19.22
CA ILE C 29 -4.59 -27.11 18.97
C ILE C 29 -5.00 -25.95 18.09
N ALA C 30 -5.53 -26.26 16.90
CA ALA C 30 -5.93 -25.25 15.93
C ALA C 30 -7.43 -25.29 15.73
N LEU C 31 -8.04 -24.11 15.65
CA LEU C 31 -9.47 -23.95 15.43
C LEU C 31 -9.66 -23.22 14.10
N VAL C 32 -10.20 -23.94 13.12
CA VAL C 32 -10.48 -23.41 11.79
C VAL C 32 -12.00 -23.26 11.68
N THR C 33 -12.49 -22.02 11.68
CA THR C 33 -13.90 -21.80 11.42
C THR C 33 -14.14 -21.92 9.93
N GLY C 34 -15.32 -22.47 9.57
CA GLY C 34 -15.67 -22.66 8.18
C GLY C 34 -14.78 -23.68 7.49
N ALA C 35 -14.85 -24.93 7.96
CA ALA C 35 -13.96 -26.01 7.56
C ALA C 35 -14.68 -27.12 6.79
N SER C 36 -15.91 -26.87 6.34
CA SER C 36 -16.66 -27.92 5.64
C SER C 36 -16.01 -28.28 4.31
N ARG C 37 -15.59 -27.28 3.53
CA ARG C 37 -15.10 -27.59 2.19
C ARG C 37 -14.04 -26.59 1.78
N GLY C 38 -13.44 -26.84 0.62
CA GLY C 38 -12.66 -25.84 -0.06
C GLY C 38 -11.43 -25.41 0.71
N ILE C 39 -11.30 -24.08 0.86
CA ILE C 39 -10.13 -23.50 1.51
C ILE C 39 -10.03 -23.98 2.95
N GLY C 40 -11.15 -23.95 3.67
CA GLY C 40 -11.12 -24.28 5.08
C GLY C 40 -10.84 -25.75 5.34
N ARG C 41 -11.34 -26.62 4.45
CA ARG C 41 -11.06 -28.03 4.64
C ARG C 41 -9.63 -28.35 4.30
N ALA C 42 -9.04 -27.62 3.34
CA ALA C 42 -7.63 -27.83 3.04
C ALA C 42 -6.76 -27.29 4.16
N ILE C 43 -7.09 -26.11 4.69
CA ILE C 43 -6.41 -25.63 5.89
C ILE C 43 -6.47 -26.69 6.97
N ALA C 44 -7.69 -27.18 7.27
CA ALA C 44 -7.87 -28.15 8.34
C ALA C 44 -7.06 -29.41 8.08
N GLU C 45 -7.17 -29.96 6.87
CA GLU C 45 -6.46 -31.19 6.54
C GLU C 45 -4.95 -31.01 6.63
N THR C 46 -4.45 -29.82 6.25
CA THR C 46 -3.01 -29.64 6.14
C THR C 46 -2.36 -29.58 7.51
N LEU C 47 -2.99 -28.87 8.45
CA LEU C 47 -2.46 -28.82 9.80
C LEU C 47 -2.45 -30.21 10.41
N VAL C 48 -3.54 -30.96 10.25
CA VAL C 48 -3.60 -32.34 10.72
C VAL C 48 -2.37 -33.09 10.23
N ALA C 49 -2.07 -32.99 8.93
CA ALA C 49 -0.94 -33.71 8.35
C ALA C 49 0.40 -33.25 8.90
N ARG C 50 0.44 -32.09 9.55
CA ARG C 50 1.66 -31.61 10.15
C ARG C 50 1.59 -31.65 11.68
N GLY C 51 0.74 -32.54 12.20
CA GLY C 51 0.79 -32.91 13.59
C GLY C 51 -0.11 -32.13 14.52
N ALA C 52 -1.06 -31.37 13.99
CA ALA C 52 -1.96 -30.61 14.84
C ALA C 52 -3.24 -31.39 15.07
N LYS C 53 -3.80 -31.26 16.27
CA LYS C 53 -5.18 -31.64 16.49
C LYS C 53 -6.05 -30.42 16.18
N VAL C 54 -7.10 -30.64 15.40
CA VAL C 54 -7.83 -29.57 14.73
C VAL C 54 -9.31 -29.70 15.03
N ILE C 55 -9.92 -28.60 15.43
CA ILE C 55 -11.36 -28.50 15.55
C ILE C 55 -11.84 -27.69 14.36
N GLY C 56 -12.60 -28.31 13.47
CA GLY C 56 -13.19 -27.64 12.33
C GLY C 56 -14.65 -27.33 12.62
N THR C 57 -15.14 -26.21 12.08
CA THR C 57 -16.50 -25.77 12.36
C THR C 57 -17.29 -25.52 11.08
N ALA C 58 -18.60 -25.61 11.23
CA ALA C 58 -19.56 -25.30 10.19
C ALA C 58 -20.79 -24.68 10.84
N THR C 59 -21.65 -24.09 10.01
CA THR C 59 -22.82 -23.39 10.51
C THR C 59 -23.99 -24.33 10.78
N SER C 60 -24.03 -25.50 10.15
CA SER C 60 -25.04 -26.51 10.42
C SER C 60 -24.42 -27.70 11.14
N GLU C 61 -25.26 -28.47 11.83
CA GLU C 61 -24.74 -29.64 12.52
C GLU C 61 -24.37 -30.75 11.55
N ASN C 62 -24.94 -30.74 10.35
CA ASN C 62 -24.54 -31.71 9.35
C ASN C 62 -23.13 -31.41 8.83
N GLY C 63 -22.87 -30.15 8.47
CA GLY C 63 -21.50 -29.77 8.11
C GLY C 63 -20.52 -30.11 9.21
N ALA C 64 -20.94 -29.93 10.47
CA ALA C 64 -20.10 -30.29 11.61
C ALA C 64 -19.88 -31.79 11.70
N LYS C 65 -20.89 -32.57 11.30
CA LYS C 65 -20.73 -34.02 11.23
C LYS C 65 -19.66 -34.38 10.21
N ASN C 66 -19.82 -33.87 8.98
CA ASN C 66 -18.90 -34.21 7.90
C ASN C 66 -17.47 -33.80 8.24
N ILE C 67 -17.29 -32.72 8.99
CA ILE C 67 -15.93 -32.32 9.38
C ILE C 67 -15.34 -33.35 10.33
N SER C 68 -16.13 -33.80 11.31
CA SER C 68 -15.67 -34.83 12.23
C SER C 68 -15.23 -36.08 11.49
N ASP C 69 -15.97 -36.47 10.44
CA ASP C 69 -15.65 -37.67 9.66
C ASP C 69 -14.27 -37.59 9.04
N TYR C 70 -13.98 -36.49 8.33
CA TYR C 70 -12.69 -36.42 7.63
C TYR C 70 -11.55 -36.07 8.57
N LEU C 71 -11.84 -35.36 9.66
CA LEU C 71 -10.82 -35.21 10.68
C LEU C 71 -10.58 -36.54 11.40
N GLY C 72 -11.67 -37.22 11.75
CA GLY C 72 -11.56 -38.50 12.42
C GLY C 72 -10.82 -38.36 13.75
N ALA C 73 -9.75 -39.14 13.89
CA ALA C 73 -9.03 -39.23 15.15
C ALA C 73 -8.24 -37.98 15.49
N ASN C 74 -7.84 -37.21 14.48
CA ASN C 74 -6.95 -36.06 14.70
C ASN C 74 -7.69 -34.77 15.02
N GLY C 75 -8.92 -34.86 15.49
CA GLY C 75 -9.68 -33.66 15.76
C GLY C 75 -11.16 -33.95 15.75
N LYS C 76 -11.94 -32.90 15.53
CA LYS C 76 -13.36 -32.93 15.83
C LYS C 76 -14.04 -31.80 15.10
N GLY C 77 -15.27 -32.03 14.66
CA GLY C 77 -16.09 -30.99 14.06
C GLY C 77 -17.09 -30.47 15.07
N LEU C 78 -17.49 -29.21 14.92
CA LEU C 78 -18.45 -28.59 15.82
C LEU C 78 -19.22 -27.50 15.07
N MET C 79 -20.40 -27.20 15.57
CA MET C 79 -21.25 -26.18 14.94
C MET C 79 -21.02 -24.83 15.62
N LEU C 80 -20.78 -23.81 14.80
CA LEU C 80 -20.48 -22.47 15.32
C LEU C 80 -21.14 -21.42 14.45
N ASN C 81 -22.02 -20.63 15.05
CA ASN C 81 -22.57 -19.43 14.43
C ASN C 81 -21.73 -18.24 14.90
N VAL C 82 -20.92 -17.70 14.00
CA VAL C 82 -19.94 -16.69 14.37
C VAL C 82 -20.60 -15.35 14.67
N THR C 83 -21.83 -15.13 14.20
CA THR C 83 -22.57 -13.94 14.57
C THR C 83 -23.29 -14.07 15.91
N ASP C 84 -23.16 -15.20 16.60
CA ASP C 84 -23.79 -15.38 17.90
C ASP C 84 -22.76 -15.61 18.98
N PRO C 85 -22.64 -14.70 19.96
CA PRO C 85 -21.70 -14.91 21.07
C PRO C 85 -21.94 -16.18 21.86
N ALA C 86 -23.21 -16.60 21.99
CA ALA C 86 -23.49 -17.83 22.74
C ALA C 86 -22.82 -19.03 22.09
N SER C 87 -23.00 -19.17 20.78
CA SER C 87 -22.41 -20.30 20.08
C SER C 87 -20.90 -20.30 20.23
N ILE C 88 -20.30 -19.11 20.23
CA ILE C 88 -18.85 -19.01 20.34
C ILE C 88 -18.37 -19.59 21.66
N GLU C 89 -19.06 -19.24 22.75
CA GLU C 89 -18.66 -19.76 24.04
C GLU C 89 -18.85 -21.27 24.12
N SER C 90 -19.99 -21.77 23.61
CA SER C 90 -20.31 -23.19 23.68
C SER C 90 -19.22 -24.04 23.00
N VAL C 91 -18.81 -23.64 21.81
CA VAL C 91 -17.73 -24.33 21.12
C VAL C 91 -16.45 -24.28 21.97
N LEU C 92 -16.06 -23.08 22.42
CA LEU C 92 -14.74 -22.92 23.01
C LEU C 92 -14.62 -23.67 24.32
N GLU C 93 -15.69 -23.73 25.11
CA GLU C 93 -15.60 -24.47 26.36
C GLU C 93 -15.60 -25.97 26.09
N ASN C 94 -16.34 -26.40 25.07
CA ASN C 94 -16.20 -27.75 24.54
C ASN C 94 -14.75 -28.08 24.22
N ILE C 95 -14.10 -27.20 23.45
CA ILE C 95 -12.74 -27.47 22.99
C ILE C 95 -11.77 -27.55 24.16
N ARG C 96 -11.92 -26.67 25.16
CA ARG C 96 -11.08 -26.74 26.34
C ARG C 96 -11.22 -28.08 27.05
N ALA C 97 -12.45 -28.59 27.14
CA ALA C 97 -12.77 -29.89 27.71
C ALA C 97 -11.98 -31.02 27.06
N GLU C 98 -12.27 -31.30 25.78
CA GLU C 98 -11.71 -32.48 25.13
C GLU C 98 -10.29 -32.28 24.62
N PHE C 99 -9.87 -31.06 24.32
CA PHE C 99 -8.55 -30.85 23.74
C PHE C 99 -7.67 -29.98 24.62
N GLY C 100 -8.10 -28.76 24.97
CA GLY C 100 -7.26 -27.83 25.69
C GLY C 100 -7.45 -26.40 25.22
N GLU C 101 -6.41 -25.57 25.32
CA GLU C 101 -6.51 -24.18 24.87
C GLU C 101 -6.11 -24.05 23.41
N VAL C 102 -6.74 -23.09 22.72
CA VAL C 102 -6.50 -22.88 21.29
C VAL C 102 -5.15 -22.18 21.09
N ASP C 103 -4.21 -22.87 20.46
CA ASP C 103 -2.94 -22.24 20.10
C ASP C 103 -3.01 -21.46 18.79
N ILE C 104 -3.85 -21.89 17.85
CA ILE C 104 -3.88 -21.38 16.48
C ILE C 104 -5.33 -21.13 16.09
N LEU C 105 -5.62 -19.94 15.53
CA LEU C 105 -6.96 -19.57 15.14
C LEU C 105 -6.97 -19.14 13.68
N VAL C 106 -7.73 -19.84 12.85
CA VAL C 106 -7.90 -19.49 11.45
C VAL C 106 -9.36 -19.08 11.23
N ASN C 107 -9.55 -17.83 10.81
CA ASN C 107 -10.88 -17.28 10.57
C ASN C 107 -11.20 -17.42 9.09
N ASN C 108 -11.86 -18.52 8.71
CA ASN C 108 -12.21 -18.75 7.32
C ASN C 108 -13.72 -18.74 7.10
N ALA C 109 -14.39 -17.81 7.72
CA ALA C 109 -15.84 -17.85 7.70
C ALA C 109 -16.39 -16.63 6.97
N GLY C 110 -15.99 -16.46 5.72
CA GLY C 110 -16.61 -15.48 4.85
C GLY C 110 -17.75 -16.05 4.03
N ILE C 111 -18.75 -15.21 3.76
CA ILE C 111 -19.72 -15.44 2.70
C ILE C 111 -19.81 -14.15 1.90
N THR C 112 -20.45 -14.21 0.73
CA THR C 112 -20.71 -13.01 -0.06
C THR C 112 -22.21 -12.76 -0.15
N ARG C 113 -22.55 -11.55 -0.54
CA ARG C 113 -23.93 -11.16 -0.78
C ARG C 113 -23.91 -10.02 -1.81
N ASP C 114 -23.57 -10.40 -3.04
CA ASP C 114 -23.20 -9.44 -4.08
C ASP C 114 -24.40 -8.65 -4.59
N ASN C 115 -24.16 -7.37 -4.83
CA ASN C 115 -25.12 -6.45 -5.42
C ASN C 115 -24.43 -5.13 -5.72
N LEU C 116 -24.86 -4.48 -6.79
CA LEU C 116 -24.45 -3.11 -6.99
C LEU C 116 -25.11 -2.25 -5.93
N LEU C 117 -24.44 -1.15 -5.57
CA LEU C 117 -24.84 -0.39 -4.39
C LEU C 117 -26.30 0.04 -4.45
N MET C 118 -26.82 0.28 -5.64
CA MET C 118 -28.20 0.76 -5.69
C MET C 118 -29.17 -0.32 -5.27
N ARG C 119 -28.84 -1.58 -5.50
CA ARG C 119 -29.73 -2.68 -5.12
C ARG C 119 -29.30 -3.39 -3.84
N MET C 120 -28.28 -2.93 -3.15
CA MET C 120 -27.88 -3.60 -1.94
C MET C 120 -28.75 -3.22 -0.78
N LYS C 121 -29.40 -4.20 -0.20
CA LYS C 121 -30.27 -3.97 0.91
C LYS C 121 -29.58 -3.95 2.24
N ASP C 122 -30.13 -3.23 3.19
CA ASP C 122 -29.57 -3.08 4.52
C ASP C 122 -29.10 -4.35 5.18
N ASP C 123 -29.90 -5.37 5.21
CA ASP C 123 -29.44 -6.63 5.82
C ASP C 123 -28.35 -7.30 4.97
N GLU C 124 -28.34 -7.06 3.66
CA GLU C 124 -27.28 -7.64 2.85
C GLU C 124 -25.93 -7.02 3.19
N TRP C 125 -25.92 -5.71 3.46
CA TRP C 125 -24.73 -5.07 3.98
C TRP C 125 -24.41 -5.59 5.38
N ASN C 126 -25.43 -5.65 6.26
CA ASN C 126 -25.21 -5.99 7.66
C ASN C 126 -24.73 -7.43 7.85
N ASP C 127 -25.25 -8.38 7.07
CA ASP C 127 -24.88 -9.77 7.29
C ASP C 127 -23.42 -10.01 6.94
N ILE C 128 -22.93 -9.37 5.89
CA ILE C 128 -21.55 -9.58 5.47
C ILE C 128 -20.57 -8.91 6.42
N ILE C 129 -20.91 -7.71 6.91
CA ILE C 129 -20.08 -7.08 7.92
C ILE C 129 -20.01 -7.95 9.17
N GLU C 130 -21.15 -8.54 9.57
CA GLU C 130 -21.18 -9.35 10.79
C GLU C 130 -20.62 -10.75 10.59
N THR C 131 -20.75 -11.33 9.40
CA THR C 131 -20.21 -12.66 9.20
C THR C 131 -18.71 -12.63 8.86
N ASN C 132 -18.28 -11.58 8.16
CA ASN C 132 -16.93 -11.58 7.61
C ASN C 132 -15.96 -10.71 8.38
N LEU C 133 -16.46 -9.76 9.18
CA LEU C 133 -15.60 -8.84 9.94
C LEU C 133 -15.81 -8.94 11.45
N SER C 134 -16.99 -8.59 11.97
CA SER C 134 -17.24 -8.71 13.41
C SER C 134 -16.96 -10.11 13.92
N SER C 135 -17.12 -11.13 13.08
CA SER C 135 -16.75 -12.49 13.48
C SER C 135 -15.30 -12.56 13.87
N VAL C 136 -14.45 -11.85 13.13
CA VAL C 136 -13.01 -11.85 13.39
C VAL C 136 -12.74 -11.26 14.75
N PHE C 137 -13.41 -10.15 15.06
CA PHE C 137 -13.36 -9.56 16.38
C PHE C 137 -13.77 -10.56 17.45
N ARG C 138 -14.97 -11.13 17.29
CA ARG C 138 -15.56 -11.97 18.33
C ARG C 138 -14.71 -13.22 18.60
N LEU C 139 -14.23 -13.87 17.54
CA LEU C 139 -13.45 -15.09 17.74
C LEU C 139 -12.06 -14.79 18.28
N SER C 140 -11.45 -13.68 17.84
CA SER C 140 -10.10 -13.34 18.26
C SER C 140 -10.05 -13.01 19.76
N LYS C 141 -10.96 -12.16 20.22
CA LYS C 141 -11.11 -11.91 21.65
C LYS C 141 -11.36 -13.20 22.40
N ALA C 142 -12.04 -14.14 21.76
CA ALA C 142 -12.51 -15.34 22.44
C ALA C 142 -11.37 -16.29 22.78
N VAL C 143 -10.30 -16.29 21.98
CA VAL C 143 -9.14 -17.15 22.22
C VAL C 143 -7.92 -16.37 22.70
N MET C 144 -8.03 -15.06 22.84
CA MET C 144 -6.89 -14.19 23.09
C MET C 144 -6.28 -14.43 24.48
N ARG C 145 -7.12 -14.46 25.52
CA ARG C 145 -6.65 -14.53 26.90
C ARG C 145 -5.70 -15.70 27.12
N ALA C 146 -6.09 -16.90 26.69
CA ALA C 146 -5.25 -18.07 26.87
C ALA C 146 -3.94 -17.94 26.11
N MET C 147 -3.95 -17.30 24.94
CA MET C 147 -2.72 -17.11 24.19
C MET C 147 -1.83 -16.08 24.86
N MET C 148 -2.43 -15.13 25.56
CA MET C 148 -1.65 -14.12 26.29
C MET C 148 -0.92 -14.73 27.48
N LYS C 149 -1.58 -15.67 28.19
CA LYS C 149 -0.94 -16.26 29.37
C LYS C 149 0.18 -17.21 28.96
N LYS C 150 0.00 -17.95 27.86
CA LYS C 150 1.05 -18.83 27.35
C LYS C 150 2.14 -18.07 26.62
N ARG C 151 1.93 -16.80 26.31
CA ARG C 151 2.90 -15.99 25.58
C ARG C 151 3.31 -16.65 24.25
N CYS C 152 2.35 -17.31 23.62
CA CYS C 152 2.51 -17.81 22.27
C CYS C 152 1.14 -17.95 21.63
N GLY C 153 1.08 -17.76 20.30
CA GLY C 153 -0.17 -17.84 19.58
C GLY C 153 -0.03 -17.56 18.10
N ARG C 154 -1.12 -17.79 17.39
CA ARG C 154 -1.24 -17.52 15.95
C ARG C 154 -2.67 -17.13 15.69
N ILE C 155 -2.87 -15.99 15.04
CA ILE C 155 -4.17 -15.65 14.48
C ILE C 155 -3.94 -15.38 13.01
N ILE C 156 -4.77 -15.99 12.18
CA ILE C 156 -4.70 -15.88 10.73
C ILE C 156 -6.12 -15.75 10.22
N THR C 157 -6.38 -14.72 9.42
CA THR C 157 -7.71 -14.52 8.88
C THR C 157 -7.65 -14.65 7.36
N ILE C 158 -8.60 -15.39 6.80
CA ILE C 158 -8.67 -15.52 5.36
C ILE C 158 -9.41 -14.31 4.81
N GLY C 159 -8.67 -13.40 4.19
CA GLY C 159 -9.20 -12.22 3.56
C GLY C 159 -9.52 -12.48 2.10
N SER C 160 -9.27 -11.47 1.27
CA SER C 160 -9.65 -11.55 -0.14
C SER C 160 -8.96 -10.40 -0.86
N VAL C 161 -8.38 -10.69 -2.02
CA VAL C 161 -7.80 -9.61 -2.83
C VAL C 161 -8.81 -8.48 -2.99
N VAL C 162 -10.11 -8.81 -2.92
CA VAL C 162 -11.16 -7.82 -3.02
C VAL C 162 -11.01 -6.74 -1.96
N GLY C 163 -10.60 -7.11 -0.75
CA GLY C 163 -10.45 -6.12 0.32
C GLY C 163 -9.36 -5.10 0.04
N THR C 164 -8.38 -5.48 -0.76
CA THR C 164 -7.28 -4.62 -1.16
C THR C 164 -7.62 -3.81 -2.41
N MET C 165 -8.13 -4.46 -3.46
CA MET C 165 -8.35 -3.76 -4.71
C MET C 165 -9.80 -3.27 -4.87
N GLY C 166 -10.75 -3.79 -4.09
CA GLY C 166 -12.12 -3.38 -4.21
C GLY C 166 -12.70 -3.98 -5.47
N ASN C 167 -14.00 -4.25 -5.48
CA ASN C 167 -14.65 -4.90 -6.62
C ASN C 167 -16.07 -4.37 -6.75
N ALA C 168 -16.49 -4.06 -7.97
CA ALA C 168 -17.84 -3.58 -8.20
C ALA C 168 -18.87 -4.65 -7.85
N GLY C 169 -19.92 -4.25 -7.16
CA GLY C 169 -20.91 -5.19 -6.71
C GLY C 169 -20.54 -5.96 -5.46
N GLN C 170 -19.41 -5.62 -4.83
CA GLN C 170 -18.90 -6.31 -3.64
C GLN C 170 -18.52 -5.33 -2.54
N ALA C 171 -19.16 -4.16 -2.51
CA ALA C 171 -18.74 -3.13 -1.55
C ALA C 171 -18.88 -3.60 -0.11
N ASN C 172 -19.86 -4.44 0.20
CA ASN C 172 -19.95 -4.92 1.58
C ASN C 172 -18.83 -5.91 1.88
N TYR C 173 -18.59 -6.81 0.92
CA TYR C 173 -17.51 -7.79 1.04
C TYR C 173 -16.15 -7.11 1.16
N ALA C 174 -15.91 -6.09 0.35
CA ALA C 174 -14.62 -5.42 0.39
C ALA C 174 -14.44 -4.64 1.70
N ALA C 175 -15.46 -3.88 2.10
CA ALA C 175 -15.41 -3.19 3.39
C ALA C 175 -15.06 -4.14 4.53
N ALA C 176 -15.64 -5.33 4.55
CA ALA C 176 -15.31 -6.30 5.60
C ALA C 176 -13.90 -6.84 5.41
N LYS C 177 -13.59 -7.28 4.18
CA LYS C 177 -12.30 -7.90 3.94
C LYS C 177 -11.16 -6.91 4.16
N ALA C 178 -11.45 -5.61 4.02
CA ALA C 178 -10.48 -4.60 4.34
C ALA C 178 -10.46 -4.34 5.84
N GLY C 179 -11.64 -4.19 6.44
CA GLY C 179 -11.73 -3.99 7.87
C GLY C 179 -10.94 -5.01 8.66
N LEU C 180 -10.99 -6.29 8.24
CA LEU C 180 -10.26 -7.30 8.99
C LEU C 180 -8.74 -7.16 8.86
N ILE C 181 -8.24 -6.42 7.86
CA ILE C 181 -6.82 -6.10 7.83
C ILE C 181 -6.51 -4.98 8.83
N GLY C 182 -7.37 -3.95 8.87
CA GLY C 182 -7.18 -2.90 9.84
C GLY C 182 -7.28 -3.41 11.27
N PHE C 183 -8.22 -4.31 11.52
CA PHE C 183 -8.36 -4.91 12.84
C PHE C 183 -7.13 -5.72 13.18
N SER C 184 -6.68 -6.54 12.23
CA SER C 184 -5.52 -7.40 12.43
C SER C 184 -4.26 -6.59 12.71
N LYS C 185 -4.16 -5.40 12.11
CA LYS C 185 -2.99 -4.59 12.31
C LYS C 185 -2.91 -4.10 13.75
N SER C 186 -4.03 -3.68 14.32
CA SER C 186 -3.92 -3.14 15.66
C SER C 186 -3.88 -4.25 16.70
N LEU C 187 -4.58 -5.36 16.50
CA LEU C 187 -4.41 -6.45 17.45
C LEU C 187 -2.97 -6.96 17.45
N ALA C 188 -2.36 -7.09 16.27
CA ALA C 188 -0.94 -7.42 16.18
C ALA C 188 -0.10 -6.53 17.08
N ARG C 189 -0.39 -5.23 17.08
CA ARG C 189 0.39 -4.34 17.92
C ARG C 189 0.17 -4.64 19.39
N GLU C 190 -1.03 -5.06 19.76
CA GLU C 190 -1.34 -5.26 21.17
C GLU C 190 -0.64 -6.47 21.74
N VAL C 191 -0.43 -7.51 20.94
CA VAL C 191 0.02 -8.79 21.46
C VAL C 191 1.37 -9.19 20.92
N ALA C 192 2.01 -8.37 20.10
CA ALA C 192 3.30 -8.75 19.53
C ALA C 192 4.37 -9.01 20.60
N SER C 193 4.39 -8.22 21.68
CA SER C 193 5.47 -8.40 22.66
C SER C 193 5.36 -9.72 23.42
N ARG C 194 4.17 -10.33 23.50
CA ARG C 194 3.97 -11.62 24.15
C ARG C 194 3.97 -12.76 23.14
N GLY C 195 4.73 -12.62 22.05
CA GLY C 195 4.98 -13.75 21.15
C GLY C 195 3.76 -14.31 20.44
N ILE C 196 2.82 -13.45 20.06
CA ILE C 196 1.67 -13.84 19.24
C ILE C 196 1.72 -13.03 17.96
N THR C 197 1.51 -13.70 16.82
CA THR C 197 1.38 -13.02 15.55
C THR C 197 -0.07 -13.02 15.11
N VAL C 198 -0.46 -11.97 14.40
CA VAL C 198 -1.81 -11.85 13.85
C VAL C 198 -1.66 -11.43 12.39
N ASN C 199 -2.13 -12.28 11.49
CA ASN C 199 -1.87 -12.09 10.06
C ASN C 199 -3.12 -12.33 9.19
N VAL C 200 -3.02 -11.89 7.95
CA VAL C 200 -4.05 -12.11 6.95
C VAL C 200 -3.46 -12.82 5.74
N VAL C 201 -4.19 -13.80 5.21
CA VAL C 201 -3.93 -14.34 3.88
C VAL C 201 -5.04 -13.87 2.96
N ALA C 202 -4.68 -13.25 1.84
CA ALA C 202 -5.66 -12.70 0.91
C ALA C 202 -5.68 -13.53 -0.38
N PRO C 203 -6.54 -14.54 -0.49
CA PRO C 203 -6.68 -15.28 -1.74
C PRO C 203 -7.18 -14.40 -2.88
N GLY C 204 -6.68 -14.69 -4.09
CA GLY C 204 -7.35 -14.26 -5.30
C GLY C 204 -8.44 -15.25 -5.69
N PHE C 205 -8.60 -15.54 -6.98
CA PHE C 205 -9.63 -16.48 -7.42
C PHE C 205 -9.22 -17.92 -7.09
N ILE C 206 -9.97 -18.59 -6.23
CA ILE C 206 -9.65 -19.96 -5.85
C ILE C 206 -10.71 -20.91 -6.40
N GLU C 207 -10.27 -21.93 -7.12
CA GLU C 207 -11.16 -22.94 -7.65
C GLU C 207 -11.95 -23.60 -6.52
N THR C 208 -13.28 -23.58 -6.64
CA THR C 208 -14.19 -24.28 -5.75
C THR C 208 -15.20 -25.09 -6.54
N ASP C 209 -16.17 -25.72 -5.87
CA ASP C 209 -17.27 -26.37 -6.58
C ASP C 209 -18.10 -25.36 -7.31
N MET C 210 -18.47 -24.26 -6.63
CA MET C 210 -19.15 -23.15 -7.28
C MET C 210 -18.35 -22.63 -8.48
N THR C 211 -17.03 -22.79 -8.48
CA THR C 211 -16.21 -22.23 -9.54
C THR C 211 -16.20 -23.11 -10.78
N ARG C 212 -16.04 -24.43 -10.61
CA ARG C 212 -15.98 -25.33 -11.76
C ARG C 212 -17.30 -25.33 -12.52
N ALA C 213 -18.38 -24.79 -11.95
CA ALA C 213 -19.72 -24.88 -12.51
C ALA C 213 -20.19 -23.59 -13.19
N LEU C 214 -19.29 -22.79 -13.72
CA LEU C 214 -19.64 -21.53 -14.38
C LEU C 214 -19.48 -21.64 -15.89
N SER C 215 -19.94 -20.61 -16.61
CA SER C 215 -19.78 -20.57 -18.06
C SER C 215 -18.30 -20.65 -18.42
N ASP C 216 -18.02 -21.26 -19.57
CA ASP C 216 -16.74 -20.97 -20.22
C ASP C 216 -16.53 -19.47 -20.33
N ASP C 217 -17.58 -18.74 -20.72
CA ASP C 217 -17.48 -17.28 -20.78
C ASP C 217 -17.09 -16.71 -19.42
N GLN C 218 -17.72 -17.20 -18.35
CA GLN C 218 -17.38 -16.72 -17.00
C GLN C 218 -15.94 -17.07 -16.65
N ARG C 219 -15.59 -18.36 -16.77
CA ARG C 219 -14.24 -18.79 -16.44
C ARG C 219 -13.20 -18.06 -17.26
N ALA C 220 -13.44 -17.87 -18.55
CA ALA C 220 -12.50 -17.13 -19.37
C ALA C 220 -12.30 -15.73 -18.85
N GLY C 221 -13.38 -15.10 -18.38
CA GLY C 221 -13.28 -13.75 -17.84
C GLY C 221 -12.60 -13.68 -16.49
N ILE C 222 -12.64 -14.77 -15.71
CA ILE C 222 -11.84 -14.84 -14.49
C ILE C 222 -10.37 -14.97 -14.84
N LEU C 223 -10.05 -15.87 -15.77
CA LEU C 223 -8.67 -16.11 -16.15
C LEU C 223 -8.04 -14.89 -16.82
N ALA C 224 -8.86 -14.13 -17.55
CA ALA C 224 -8.38 -12.89 -18.13
C ALA C 224 -7.67 -12.01 -17.10
N GLN C 225 -8.04 -12.09 -15.83
CA GLN C 225 -7.55 -11.19 -14.80
C GLN C 225 -6.34 -11.75 -14.04
N VAL C 226 -5.84 -12.92 -14.43
CA VAL C 226 -4.80 -13.58 -13.65
C VAL C 226 -3.60 -13.84 -14.55
N PRO C 227 -2.51 -13.10 -14.36
CA PRO C 227 -1.30 -13.36 -15.17
C PRO C 227 -0.84 -14.81 -15.11
N ALA C 228 -1.03 -15.47 -13.96
CA ALA C 228 -0.62 -16.87 -13.85
C ALA C 228 -1.36 -17.77 -14.83
N GLY C 229 -2.49 -17.30 -15.38
CA GLY C 229 -3.22 -18.05 -16.37
C GLY C 229 -4.20 -19.07 -15.83
N ARG C 230 -4.38 -19.14 -14.52
CA ARG C 230 -5.08 -20.24 -13.87
C ARG C 230 -5.73 -19.75 -12.60
N LEU C 231 -6.75 -20.49 -12.15
CA LEU C 231 -7.29 -20.29 -10.81
C LEU C 231 -6.41 -20.95 -9.75
N GLY C 232 -6.32 -20.31 -8.59
CA GLY C 232 -5.59 -20.91 -7.49
C GLY C 232 -6.33 -22.06 -6.85
N GLY C 233 -5.58 -22.92 -6.18
CA GLY C 233 -6.13 -24.08 -5.51
C GLY C 233 -6.27 -23.86 -4.02
N ALA C 234 -7.25 -24.55 -3.41
CA ALA C 234 -7.47 -24.44 -1.97
C ALA C 234 -6.23 -24.84 -1.19
N GLN C 235 -5.49 -25.84 -1.66
CA GLN C 235 -4.28 -26.25 -0.96
C GLN C 235 -3.25 -25.13 -0.93
N GLU C 236 -3.14 -24.39 -2.03
CA GLU C 236 -2.17 -23.30 -2.06
C GLU C 236 -2.45 -22.28 -0.95
N ILE C 237 -3.73 -21.95 -0.70
CA ILE C 237 -4.05 -21.08 0.42
C ILE C 237 -3.71 -21.76 1.73
N ALA C 238 -3.99 -23.06 1.85
CA ALA C 238 -3.65 -23.78 3.08
C ALA C 238 -2.16 -23.73 3.38
N SER C 239 -1.30 -23.78 2.35
CA SER C 239 0.13 -23.71 2.59
C SER C 239 0.51 -22.37 3.19
N ALA C 240 0.01 -21.29 2.60
CA ALA C 240 0.30 -19.97 3.14
C ALA C 240 -0.12 -19.91 4.59
N VAL C 241 -1.32 -20.39 4.88
CA VAL C 241 -1.79 -20.44 6.26
C VAL C 241 -0.90 -21.34 7.10
N ALA C 242 -0.54 -22.51 6.57
CA ALA C 242 0.34 -23.42 7.31
C ALA C 242 1.69 -22.80 7.59
N PHE C 243 2.28 -22.12 6.60
CA PHE C 243 3.53 -21.42 6.85
C PHE C 243 3.34 -20.35 7.91
N LEU C 244 2.27 -19.58 7.81
CA LEU C 244 2.11 -18.47 8.72
C LEU C 244 1.84 -18.96 10.14
N ALA C 245 1.17 -20.10 10.29
CA ALA C 245 0.95 -20.67 11.62
C ALA C 245 2.17 -21.41 12.16
N SER C 246 3.21 -21.61 11.35
CA SER C 246 4.37 -22.36 11.80
C SER C 246 5.31 -21.51 12.67
N ASP C 247 6.25 -22.19 13.33
CA ASP C 247 7.27 -21.51 14.12
C ASP C 247 8.25 -20.75 13.24
N GLU C 248 8.16 -20.90 11.92
CA GLU C 248 9.06 -20.20 11.01
C GLU C 248 8.54 -18.83 10.63
N ALA C 249 7.36 -18.46 11.08
CA ALA C 249 6.73 -17.19 10.72
C ALA C 249 6.59 -16.32 11.95
N SER C 250 7.50 -16.49 12.90
CA SER C 250 7.33 -15.86 14.20
C SER C 250 7.58 -14.36 14.14
N TYR C 251 8.36 -13.90 13.15
CA TYR C 251 8.67 -12.50 12.98
C TYR C 251 7.81 -11.83 11.91
N ILE C 252 6.70 -12.46 11.53
CA ILE C 252 5.71 -11.87 10.65
C ILE C 252 4.48 -11.59 11.49
N THR C 253 4.11 -10.32 11.61
CA THR C 253 2.85 -9.98 12.26
C THR C 253 2.32 -8.70 11.65
N GLY C 254 0.98 -8.59 11.64
CA GLY C 254 0.31 -7.45 11.03
C GLY C 254 0.51 -7.39 9.54
N GLU C 255 0.73 -8.53 8.91
CA GLU C 255 1.07 -8.58 7.50
C GLU C 255 -0.05 -9.25 6.72
N THR C 256 -0.29 -8.76 5.50
CA THR C 256 -1.14 -9.42 4.53
C THR C 256 -0.25 -10.17 3.55
N LEU C 257 -0.53 -11.46 3.34
CA LEU C 257 0.18 -12.26 2.34
C LEU C 257 -0.78 -12.55 1.20
N HIS C 258 -0.47 -12.00 0.02
CA HIS C 258 -1.37 -12.04 -1.13
C HIS C 258 -1.06 -13.25 -2.01
N VAL C 259 -2.07 -14.10 -2.20
CA VAL C 259 -1.94 -15.31 -2.99
C VAL C 259 -2.97 -15.24 -4.11
N ASN C 260 -2.63 -14.55 -5.21
CA ASN C 260 -3.62 -14.24 -6.24
C ASN C 260 -3.09 -14.39 -7.67
N GLY C 261 -2.04 -15.18 -7.88
CA GLY C 261 -1.52 -15.35 -9.22
C GLY C 261 -1.07 -14.08 -9.89
N GLY C 262 -0.83 -13.02 -9.12
CA GLY C 262 -0.48 -11.77 -9.74
C GLY C 262 -1.67 -10.93 -10.16
N MET C 263 -2.89 -11.35 -9.83
CA MET C 263 -4.10 -10.58 -10.12
C MET C 263 -3.95 -9.13 -9.69
N TYR C 264 -3.38 -8.93 -8.50
CA TYR C 264 -3.11 -7.61 -7.97
C TYR C 264 -1.73 -7.64 -7.33
N MET C 265 -1.12 -6.49 -7.21
CA MET C 265 0.26 -6.46 -6.75
C MET C 265 0.46 -5.43 -5.65
N VAL C 266 0.85 -5.95 -4.48
CA VAL C 266 1.25 -5.23 -3.26
C VAL C 266 0.10 -4.37 -2.83
N LEU D 18 -14.39 33.99 -16.68
CA LEU D 18 -13.12 34.37 -16.15
C LEU D 18 -12.23 33.18 -16.22
N TYR D 19 -10.95 33.43 -16.11
CA TYR D 19 -10.00 32.36 -15.99
C TYR D 19 -10.23 31.96 -14.54
N PHE D 20 -10.23 30.67 -14.27
CA PHE D 20 -10.57 30.03 -12.97
C PHE D 20 -12.05 29.93 -12.78
N GLN D 21 -12.82 30.05 -13.84
CA GLN D 21 -14.26 29.92 -13.73
C GLN D 21 -14.71 28.55 -13.31
N SER D 22 -13.98 27.53 -13.69
CA SER D 22 -14.25 26.20 -13.29
C SER D 22 -13.98 26.00 -11.81
N MET D 23 -13.18 26.86 -11.20
CA MET D 23 -12.77 26.67 -9.82
C MET D 23 -13.88 26.94 -8.81
N SER D 24 -14.95 27.63 -9.22
CA SER D 24 -16.04 27.93 -8.32
C SER D 24 -16.85 26.67 -7.98
N PHE D 25 -17.52 26.71 -6.82
CA PHE D 25 -18.46 25.67 -6.43
C PHE D 25 -19.90 26.13 -6.56
N GLU D 26 -20.15 27.29 -7.16
CA GLU D 26 -21.51 27.77 -7.22
C GLU D 26 -22.34 26.84 -8.10
N GLY D 27 -23.61 26.70 -7.74
CA GLY D 27 -24.49 25.74 -8.35
C GLY D 27 -24.39 24.35 -7.78
N LYS D 28 -23.49 24.13 -6.82
CA LYS D 28 -23.26 22.82 -6.26
C LYS D 28 -23.81 22.79 -4.83
N ILE D 29 -24.41 21.65 -4.48
CA ILE D 29 -24.98 21.40 -3.16
C ILE D 29 -24.10 20.38 -2.46
N ALA D 30 -23.71 20.66 -1.23
CA ALA D 30 -22.75 19.83 -0.51
C ALA D 30 -23.35 19.37 0.81
N LEU D 31 -23.29 18.07 1.06
CA LEU D 31 -23.80 17.46 2.27
C LEU D 31 -22.62 17.01 3.11
N VAL D 32 -22.50 17.58 4.30
CA VAL D 32 -21.40 17.30 5.20
C VAL D 32 -21.98 16.81 6.52
N THR D 33 -21.55 15.63 6.96
CA THR D 33 -22.03 15.10 8.22
C THR D 33 -21.01 15.42 9.31
N GLY D 34 -21.52 15.56 10.54
CA GLY D 34 -20.72 16.00 11.65
C GLY D 34 -20.09 17.34 11.40
N ALA D 35 -20.90 18.36 11.11
CA ALA D 35 -20.40 19.68 10.74
C ALA D 35 -20.46 20.68 11.91
N SER D 36 -20.57 20.21 13.15
CA SER D 36 -20.73 21.08 14.30
C SER D 36 -19.43 21.76 14.73
N ARG D 37 -18.31 21.07 14.58
CA ARG D 37 -17.03 21.58 15.07
C ARG D 37 -15.91 20.93 14.28
N GLY D 38 -14.68 21.27 14.65
CA GLY D 38 -13.52 20.55 14.17
C GLY D 38 -13.44 20.51 12.66
N ILE D 39 -13.05 19.35 12.14
CA ILE D 39 -12.93 19.16 10.71
C ILE D 39 -14.24 19.49 10.01
N GLY D 40 -15.34 18.87 10.46
CA GLY D 40 -16.62 19.03 9.79
C GLY D 40 -17.01 20.49 9.60
N ARG D 41 -16.82 21.30 10.64
CA ARG D 41 -17.12 22.72 10.52
C ARG D 41 -16.17 23.38 9.53
N ALA D 42 -14.89 23.02 9.61
CA ALA D 42 -13.89 23.53 8.67
C ALA D 42 -14.28 23.22 7.22
N ILE D 43 -14.78 22.00 6.98
CA ILE D 43 -15.19 21.60 5.62
C ILE D 43 -16.37 22.45 5.16
N ALA D 44 -17.43 22.51 5.95
CA ALA D 44 -18.61 23.28 5.58
C ALA D 44 -18.25 24.74 5.28
N GLU D 45 -17.43 25.35 6.15
CA GLU D 45 -17.11 26.75 5.95
C GLU D 45 -16.30 26.94 4.67
N THR D 46 -15.34 26.06 4.43
CA THR D 46 -14.51 26.16 3.23
C THR D 46 -15.34 25.99 1.96
N LEU D 47 -16.21 25.00 1.94
CA LEU D 47 -17.04 24.80 0.77
C LEU D 47 -17.91 26.03 0.51
N VAL D 48 -18.49 26.62 1.56
CA VAL D 48 -19.32 27.81 1.37
C VAL D 48 -18.47 28.96 0.82
N ALA D 49 -17.26 29.15 1.37
CA ALA D 49 -16.38 30.21 0.93
C ALA D 49 -16.08 30.11 -0.56
N ARG D 50 -16.15 28.91 -1.10
CA ARG D 50 -15.90 28.69 -2.51
C ARG D 50 -17.18 28.63 -3.33
N GLY D 51 -18.32 28.97 -2.72
CA GLY D 51 -19.54 29.22 -3.45
C GLY D 51 -20.60 28.15 -3.38
N ALA D 52 -20.39 27.09 -2.62
CA ALA D 52 -21.39 26.04 -2.55
C ALA D 52 -22.37 26.33 -1.43
N LYS D 53 -23.60 25.82 -1.58
CA LYS D 53 -24.57 25.80 -0.48
C LYS D 53 -24.31 24.54 0.34
N VAL D 54 -23.93 24.72 1.59
CA VAL D 54 -23.61 23.58 2.44
C VAL D 54 -24.79 23.26 3.35
N ILE D 55 -25.12 21.98 3.43
CA ILE D 55 -26.00 21.47 4.47
C ILE D 55 -25.13 20.68 5.42
N GLY D 56 -24.94 21.22 6.62
CA GLY D 56 -24.25 20.50 7.66
C GLY D 56 -25.25 19.76 8.52
N THR D 57 -24.83 18.60 9.04
CA THR D 57 -25.69 17.80 9.90
C THR D 57 -25.01 17.51 11.23
N ALA D 58 -25.83 17.22 12.23
CA ALA D 58 -25.35 16.99 13.60
C ALA D 58 -26.23 15.94 14.28
N THR D 59 -25.74 15.49 15.44
CA THR D 59 -26.37 14.39 16.14
C THR D 59 -27.54 14.85 17.01
N SER D 60 -27.51 16.08 17.52
CA SER D 60 -28.54 16.62 18.39
C SER D 60 -29.21 17.82 17.73
N GLU D 61 -30.34 18.23 18.29
CA GLU D 61 -31.06 19.37 17.73
C GLU D 61 -30.33 20.67 18.05
N ASN D 62 -29.69 20.73 19.22
CA ASN D 62 -28.79 21.85 19.51
C ASN D 62 -27.68 21.91 18.48
N GLY D 63 -27.13 20.73 18.12
CA GLY D 63 -26.07 20.70 17.11
C GLY D 63 -26.52 21.25 15.78
N ALA D 64 -27.76 20.93 15.39
CA ALA D 64 -28.27 21.40 14.11
C ALA D 64 -28.45 22.92 14.11
N LYS D 65 -28.97 23.45 15.21
CA LYS D 65 -29.24 24.88 15.28
C LYS D 65 -27.96 25.68 15.16
N ASN D 66 -26.97 25.32 15.97
CA ASN D 66 -25.65 25.96 15.91
C ASN D 66 -25.08 25.94 14.50
N ILE D 67 -25.21 24.80 13.81
CA ILE D 67 -24.74 24.72 12.43
C ILE D 67 -25.49 25.72 11.55
N SER D 68 -26.82 25.77 11.69
CA SER D 68 -27.58 26.78 10.93
C SER D 68 -27.11 28.20 11.24
N ASP D 69 -26.68 28.44 12.48
CA ASP D 69 -26.24 29.78 12.86
C ASP D 69 -25.07 30.24 12.01
N TYR D 70 -23.99 29.45 11.97
CA TYR D 70 -22.79 29.90 11.28
C TYR D 70 -22.90 29.75 9.77
N LEU D 71 -23.70 28.82 9.27
CA LEU D 71 -23.97 28.77 7.83
C LEU D 71 -24.83 29.94 7.36
N GLY D 72 -25.73 30.43 8.21
CA GLY D 72 -26.51 31.60 7.86
C GLY D 72 -27.26 31.34 6.57
N ALA D 73 -27.17 32.30 5.65
CA ALA D 73 -27.86 32.22 4.37
C ALA D 73 -27.19 31.28 3.38
N ASN D 74 -25.96 30.85 3.64
CA ASN D 74 -25.26 30.02 2.68
C ASN D 74 -25.64 28.55 2.81
N GLY D 75 -26.30 28.17 3.91
CA GLY D 75 -26.82 26.83 4.02
C GLY D 75 -27.76 26.60 5.20
N LYS D 76 -27.77 25.35 5.66
CA LYS D 76 -28.80 24.87 6.55
C LYS D 76 -28.16 23.85 7.47
N GLY D 77 -28.52 23.89 8.75
CA GLY D 77 -28.22 22.80 9.64
C GLY D 77 -29.42 21.88 9.71
N LEU D 78 -29.17 20.58 9.84
CA LEU D 78 -30.22 19.61 10.08
C LEU D 78 -29.71 18.56 11.04
N MET D 79 -30.60 18.05 11.86
CA MET D 79 -30.25 16.93 12.71
C MET D 79 -30.52 15.65 11.93
N LEU D 80 -29.45 14.93 11.63
CA LEU D 80 -29.52 13.62 10.99
C LEU D 80 -28.90 12.62 11.93
N ASN D 81 -29.69 11.66 12.38
CA ASN D 81 -29.17 10.52 13.11
C ASN D 81 -28.91 9.44 12.06
N VAL D 82 -27.65 9.38 11.61
CA VAL D 82 -27.26 8.52 10.48
C VAL D 82 -27.69 7.09 10.73
N THR D 83 -27.53 6.62 11.97
CA THR D 83 -27.79 5.23 12.30
C THR D 83 -29.23 4.84 12.01
N ASP D 84 -30.17 5.77 12.16
CA ASP D 84 -31.56 5.47 11.85
C ASP D 84 -31.79 5.69 10.35
N PRO D 85 -32.03 4.62 9.59
CA PRO D 85 -32.32 4.79 8.16
C PRO D 85 -33.48 5.73 7.89
N ALA D 86 -34.47 5.77 8.77
CA ALA D 86 -35.60 6.66 8.55
C ALA D 86 -35.16 8.12 8.61
N SER D 87 -34.18 8.44 9.46
CA SER D 87 -33.69 9.81 9.59
C SER D 87 -33.12 10.32 8.28
N ILE D 88 -32.46 9.44 7.52
CA ILE D 88 -31.82 9.84 6.28
C ILE D 88 -32.83 10.34 5.27
N GLU D 89 -33.97 9.65 5.17
CA GLU D 89 -34.87 9.89 4.04
C GLU D 89 -35.46 11.29 4.05
N SER D 90 -35.90 11.77 5.21
CA SER D 90 -36.50 13.10 5.27
C SER D 90 -35.43 14.20 5.21
N VAL D 91 -34.23 13.91 5.69
CA VAL D 91 -33.13 14.86 5.60
C VAL D 91 -32.77 15.11 4.14
N LEU D 92 -32.64 14.03 3.35
CA LEU D 92 -32.40 14.20 1.93
C LEU D 92 -33.58 14.87 1.25
N GLU D 93 -34.80 14.50 1.65
CA GLU D 93 -35.98 15.11 1.05
C GLU D 93 -36.07 16.59 1.40
N ASN D 94 -35.77 16.94 2.65
CA ASN D 94 -35.69 18.36 3.03
C ASN D 94 -34.74 19.12 2.10
N ILE D 95 -33.55 18.55 1.86
CA ILE D 95 -32.56 19.21 1.02
C ILE D 95 -33.09 19.36 -0.40
N ARG D 96 -33.65 18.27 -0.95
CA ARG D 96 -34.14 18.31 -2.33
C ARG D 96 -35.20 19.38 -2.50
N ALA D 97 -36.08 19.52 -1.51
CA ALA D 97 -37.15 20.50 -1.61
C ALA D 97 -36.64 21.92 -1.46
N GLU D 98 -35.63 22.13 -0.60
CA GLU D 98 -35.17 23.50 -0.35
C GLU D 98 -34.07 23.92 -1.33
N PHE D 99 -33.09 23.05 -1.56
CA PHE D 99 -31.95 23.37 -2.41
C PHE D 99 -31.95 22.55 -3.68
N GLY D 100 -31.95 21.23 -3.57
CA GLY D 100 -31.89 20.36 -4.72
C GLY D 100 -31.09 19.10 -4.39
N GLU D 101 -30.62 18.45 -5.44
CA GLU D 101 -29.92 17.18 -5.28
C GLU D 101 -28.49 17.42 -4.81
N VAL D 102 -27.93 16.43 -4.13
CA VAL D 102 -26.63 16.60 -3.49
C VAL D 102 -25.54 16.33 -4.53
N ASP D 103 -24.70 17.33 -4.77
CA ASP D 103 -23.58 17.18 -5.69
C ASP D 103 -22.37 16.55 -4.99
N ILE D 104 -22.17 16.86 -3.71
CA ILE D 104 -20.97 16.53 -2.95
C ILE D 104 -21.37 15.95 -1.61
N LEU D 105 -20.93 14.73 -1.34
CA LEU D 105 -21.19 14.08 -0.05
C LEU D 105 -19.87 13.94 0.69
N VAL D 106 -19.83 14.47 1.91
CA VAL D 106 -18.68 14.37 2.80
C VAL D 106 -19.11 13.59 4.02
N ASN D 107 -18.53 12.41 4.21
CA ASN D 107 -18.87 11.55 5.34
C ASN D 107 -17.85 11.78 6.44
N ASN D 108 -18.26 12.51 7.48
CA ASN D 108 -17.40 12.84 8.61
C ASN D 108 -18.13 12.61 9.92
N ALA D 109 -18.56 11.38 10.17
CA ALA D 109 -19.22 11.18 11.45
C ALA D 109 -18.51 10.11 12.26
N GLY D 110 -17.18 10.20 12.36
CA GLY D 110 -16.41 9.22 13.12
C GLY D 110 -16.34 9.52 14.60
N ILE D 111 -16.53 8.46 15.42
CA ILE D 111 -16.34 8.50 16.87
C ILE D 111 -15.24 7.50 17.23
N THR D 112 -14.93 7.40 18.52
CA THR D 112 -13.90 6.51 19.03
C THR D 112 -14.33 5.92 20.36
N ARG D 113 -14.08 4.65 20.57
CA ARG D 113 -14.39 3.94 21.78
C ARG D 113 -13.24 3.01 22.11
N ASP D 114 -12.08 3.58 22.34
CA ASP D 114 -10.87 2.83 22.59
C ASP D 114 -10.77 1.97 23.78
N ASN D 115 -10.28 0.80 23.52
CA ASN D 115 -10.01 -0.16 24.51
C ASN D 115 -9.09 -1.19 23.96
N LEU D 116 -8.43 -1.94 24.81
CA LEU D 116 -7.64 -3.07 24.38
C LEU D 116 -8.60 -4.21 24.08
N LEU D 117 -8.16 -5.25 23.42
CA LEU D 117 -9.15 -6.24 22.97
C LEU D 117 -9.81 -6.94 24.14
N MET D 118 -9.03 -7.34 25.13
CA MET D 118 -9.61 -8.12 26.23
C MET D 118 -10.59 -7.29 27.04
N ARG D 119 -10.44 -5.97 27.06
CA ARG D 119 -11.36 -5.10 27.78
C ARG D 119 -12.42 -4.49 26.88
N MET D 120 -12.55 -4.94 25.63
CA MET D 120 -13.41 -4.24 24.68
C MET D 120 -14.83 -4.81 24.73
N LYS D 121 -15.78 -3.95 25.10
CA LYS D 121 -17.18 -4.34 25.19
C LYS D 121 -17.80 -4.48 23.81
N ASP D 122 -18.79 -5.37 23.70
CA ASP D 122 -19.48 -5.61 22.44
C ASP D 122 -20.12 -4.34 21.90
N ASP D 123 -20.69 -3.53 22.79
CA ASP D 123 -21.31 -2.29 22.33
C ASP D 123 -20.28 -1.35 21.74
N GLU D 124 -19.07 -1.34 22.30
CA GLU D 124 -18.04 -0.44 21.79
C GLU D 124 -17.59 -0.88 20.41
N TRP D 125 -17.59 -2.18 20.14
CA TRP D 125 -17.34 -2.67 18.79
C TRP D 125 -18.51 -2.34 17.87
N ASN D 126 -19.74 -2.64 18.30
CA ASN D 126 -20.87 -2.43 17.42
C ASN D 126 -21.03 -0.96 17.06
N ASP D 127 -20.96 -0.07 18.06
CA ASP D 127 -21.21 1.35 17.82
C ASP D 127 -20.15 1.98 16.93
N ILE D 128 -18.90 1.52 17.04
CA ILE D 128 -17.88 2.01 16.12
C ILE D 128 -18.17 1.52 14.70
N ILE D 129 -18.50 0.23 14.55
CA ILE D 129 -18.79 -0.31 13.22
C ILE D 129 -19.98 0.41 12.60
N GLU D 130 -21.02 0.69 13.39
CA GLU D 130 -22.22 1.29 12.82
C GLU D 130 -22.06 2.78 12.53
N THR D 131 -21.40 3.52 13.41
CA THR D 131 -21.26 4.96 13.23
C THR D 131 -20.18 5.30 12.22
N ASN D 132 -19.08 4.55 12.20
CA ASN D 132 -17.94 4.90 11.38
C ASN D 132 -17.86 4.12 10.08
N LEU D 133 -18.40 2.90 10.00
CA LEU D 133 -18.35 2.11 8.78
C LEU D 133 -19.67 2.09 8.04
N SER D 134 -20.74 1.62 8.67
CA SER D 134 -22.01 1.50 7.98
C SER D 134 -22.66 2.85 7.68
N SER D 135 -22.37 3.88 8.47
CA SER D 135 -22.83 5.23 8.12
C SER D 135 -22.46 5.60 6.69
N VAL D 136 -21.26 5.21 6.27
CA VAL D 136 -20.76 5.53 4.94
C VAL D 136 -21.63 4.87 3.87
N PHE D 137 -21.92 3.58 4.06
CA PHE D 137 -22.75 2.86 3.10
C PHE D 137 -24.14 3.49 3.00
N ARG D 138 -24.76 3.80 4.14
CA ARG D 138 -26.14 4.30 4.10
C ARG D 138 -26.21 5.63 3.38
N LEU D 139 -25.31 6.55 3.71
CA LEU D 139 -25.40 7.87 3.12
C LEU D 139 -25.00 7.85 1.66
N SER D 140 -23.98 7.06 1.32
CA SER D 140 -23.54 6.97 -0.07
C SER D 140 -24.67 6.47 -0.95
N LYS D 141 -25.37 5.44 -0.47
CA LYS D 141 -26.50 4.92 -1.22
C LYS D 141 -27.56 5.98 -1.42
N ALA D 142 -27.85 6.75 -0.37
CA ALA D 142 -28.95 7.70 -0.44
C ALA D 142 -28.69 8.82 -1.43
N VAL D 143 -27.43 9.23 -1.60
CA VAL D 143 -27.10 10.29 -2.56
C VAL D 143 -26.68 9.73 -3.90
N MET D 144 -26.46 8.41 -3.97
CA MET D 144 -25.95 7.77 -5.17
C MET D 144 -26.76 8.12 -6.42
N ARG D 145 -28.08 7.95 -6.35
CA ARG D 145 -28.85 7.92 -7.59
C ARG D 145 -28.81 9.26 -8.33
N ALA D 146 -28.97 10.37 -7.61
CA ALA D 146 -28.98 11.68 -8.26
C ALA D 146 -27.67 11.91 -8.99
N MET D 147 -26.53 11.62 -8.34
CA MET D 147 -25.24 11.86 -8.99
C MET D 147 -25.09 11.03 -10.25
N MET D 148 -25.74 9.88 -10.31
CA MET D 148 -25.66 9.06 -11.52
C MET D 148 -26.49 9.64 -12.66
N LYS D 149 -27.66 10.22 -12.35
CA LYS D 149 -28.40 10.92 -13.38
C LYS D 149 -27.64 12.13 -13.89
N LYS D 150 -27.09 12.93 -12.99
CA LYS D 150 -26.34 14.12 -13.38
C LYS D 150 -25.05 13.79 -14.12
N ARG D 151 -24.54 12.56 -13.97
CA ARG D 151 -23.23 12.14 -14.49
C ARG D 151 -22.10 12.97 -13.90
N CYS D 152 -22.26 13.38 -12.65
CA CYS D 152 -21.24 14.17 -11.96
C CYS D 152 -21.53 14.03 -10.49
N GLY D 153 -20.50 13.71 -9.71
CA GLY D 153 -20.68 13.59 -8.26
C GLY D 153 -19.36 13.50 -7.53
N ARG D 154 -19.45 13.72 -6.21
CA ARG D 154 -18.29 13.59 -5.34
C ARG D 154 -18.68 12.91 -4.05
N ILE D 155 -18.00 11.84 -3.70
CA ILE D 155 -18.12 11.29 -2.36
C ILE D 155 -16.73 11.24 -1.76
N ILE D 156 -16.59 11.84 -0.56
CA ILE D 156 -15.36 11.91 0.20
C ILE D 156 -15.68 11.47 1.61
N THR D 157 -14.89 10.56 2.16
CA THR D 157 -15.10 10.07 3.51
C THR D 157 -13.88 10.44 4.35
N ILE D 158 -14.12 10.95 5.55
CA ILE D 158 -13.00 11.35 6.40
C ILE D 158 -12.48 10.11 7.10
N GLY D 159 -11.33 9.61 6.65
CA GLY D 159 -10.79 8.36 7.14
C GLY D 159 -9.96 8.51 8.40
N SER D 160 -8.82 7.83 8.47
CA SER D 160 -7.88 8.01 9.58
C SER D 160 -6.61 7.22 9.28
N VAL D 161 -5.47 7.76 9.73
CA VAL D 161 -4.22 7.04 9.57
C VAL D 161 -4.27 5.70 10.30
N VAL D 162 -5.10 5.60 11.35
CA VAL D 162 -5.26 4.36 12.09
C VAL D 162 -5.72 3.24 11.18
N GLY D 163 -6.63 3.54 10.25
CA GLY D 163 -7.13 2.51 9.35
C GLY D 163 -6.05 1.85 8.51
N THR D 164 -5.02 2.62 8.16
CA THR D 164 -3.87 2.09 7.43
C THR D 164 -2.86 1.42 8.36
N MET D 165 -2.58 2.04 9.49
CA MET D 165 -1.46 1.67 10.32
C MET D 165 -1.84 0.69 11.42
N GLY D 166 -3.10 0.71 11.86
CA GLY D 166 -3.47 -0.01 13.06
C GLY D 166 -2.88 0.69 14.27
N ASN D 167 -3.59 0.63 15.39
CA ASN D 167 -3.13 1.26 16.61
C ASN D 167 -3.67 0.46 17.79
N ALA D 168 -2.77 0.04 18.67
CA ALA D 168 -3.18 -0.77 19.81
C ALA D 168 -4.24 -0.03 20.62
N GLY D 169 -5.23 -0.79 21.09
CA GLY D 169 -6.37 -0.21 21.79
C GLY D 169 -7.41 0.41 20.89
N GLN D 170 -7.25 0.33 19.57
CA GLN D 170 -8.17 0.96 18.62
C GLN D 170 -8.54 -0.01 17.49
N ALA D 171 -8.59 -1.30 17.79
CA ALA D 171 -8.89 -2.29 16.76
C ALA D 171 -10.26 -2.06 16.14
N ASN D 172 -11.21 -1.48 16.87
CA ASN D 172 -12.51 -1.23 16.27
C ASN D 172 -12.43 -0.08 15.29
N TYR D 173 -11.91 1.07 15.75
CA TYR D 173 -11.56 2.19 14.90
C TYR D 173 -10.80 1.75 13.65
N ALA D 174 -9.73 0.99 13.84
CA ALA D 174 -8.92 0.55 12.71
C ALA D 174 -9.74 -0.27 11.75
N ALA D 175 -10.61 -1.13 12.28
CA ALA D 175 -11.43 -1.95 11.42
C ALA D 175 -12.41 -1.09 10.63
N ALA D 176 -13.05 -0.13 11.30
CA ALA D 176 -13.99 0.74 10.60
C ALA D 176 -13.27 1.59 9.56
N LYS D 177 -12.18 2.24 9.98
CA LYS D 177 -11.48 3.18 9.10
C LYS D 177 -10.86 2.47 7.89
N ALA D 178 -10.34 1.23 8.06
CA ALA D 178 -9.89 0.48 6.90
C ALA D 178 -11.07 0.00 6.05
N GLY D 179 -12.20 -0.34 6.68
CA GLY D 179 -13.34 -0.78 5.91
C GLY D 179 -13.86 0.26 4.93
N LEU D 180 -13.90 1.53 5.36
CA LEU D 180 -14.46 2.53 4.46
C LEU D 180 -13.58 2.75 3.25
N ILE D 181 -12.28 2.45 3.36
CA ILE D 181 -11.42 2.47 2.18
C ILE D 181 -11.84 1.39 1.22
N GLY D 182 -11.96 0.16 1.71
CA GLY D 182 -12.43 -0.94 0.87
C GLY D 182 -13.79 -0.65 0.27
N PHE D 183 -14.71 -0.12 1.09
CA PHE D 183 -16.02 0.24 0.56
C PHE D 183 -15.90 1.27 -0.55
N SER D 184 -14.97 2.23 -0.41
CA SER D 184 -14.86 3.31 -1.40
C SER D 184 -14.29 2.80 -2.71
N LYS D 185 -13.27 1.93 -2.65
CA LYS D 185 -12.70 1.40 -3.88
C LYS D 185 -13.75 0.66 -4.69
N SER D 186 -14.56 -0.18 -4.05
CA SER D 186 -15.65 -0.85 -4.74
C SER D 186 -16.62 0.15 -5.36
N LEU D 187 -17.09 1.11 -4.56
CA LEU D 187 -18.03 2.10 -5.08
C LEU D 187 -17.42 2.84 -6.26
N ALA D 188 -16.14 3.22 -6.12
CA ALA D 188 -15.43 3.90 -7.19
C ALA D 188 -15.53 3.12 -8.49
N ARG D 189 -15.24 1.81 -8.44
CA ARG D 189 -15.24 0.99 -9.65
C ARG D 189 -16.61 0.97 -10.31
N GLU D 190 -17.68 1.07 -9.51
CA GLU D 190 -19.05 1.04 -10.03
C GLU D 190 -19.47 2.34 -10.71
N VAL D 191 -19.02 3.49 -10.22
CA VAL D 191 -19.57 4.76 -10.67
C VAL D 191 -18.55 5.62 -11.40
N ALA D 192 -17.32 5.14 -11.57
CA ALA D 192 -16.29 5.95 -12.22
C ALA D 192 -16.72 6.37 -13.61
N SER D 193 -17.29 5.44 -14.38
CA SER D 193 -17.62 5.73 -15.77
C SER D 193 -18.63 6.86 -15.91
N ARG D 194 -19.32 7.24 -14.84
CA ARG D 194 -20.37 8.26 -14.89
C ARG D 194 -19.97 9.54 -14.18
N GLY D 195 -18.69 9.91 -14.21
CA GLY D 195 -18.28 11.19 -13.70
C GLY D 195 -18.49 11.38 -12.21
N ILE D 196 -18.55 10.29 -11.46
CA ILE D 196 -18.62 10.35 -10.01
C ILE D 196 -17.28 9.93 -9.46
N THR D 197 -16.89 10.55 -8.36
CA THR D 197 -15.62 10.34 -7.69
C THR D 197 -15.88 9.95 -6.24
N VAL D 198 -15.13 8.96 -5.77
CA VAL D 198 -15.28 8.38 -4.44
C VAL D 198 -13.89 8.26 -3.86
N ASN D 199 -13.55 9.09 -2.90
CA ASN D 199 -12.21 9.11 -2.31
C ASN D 199 -12.28 9.22 -0.80
N VAL D 200 -11.15 8.95 -0.16
CA VAL D 200 -10.98 9.06 1.28
C VAL D 200 -9.89 10.08 1.58
N VAL D 201 -10.10 10.88 2.62
CA VAL D 201 -9.05 11.72 3.19
C VAL D 201 -8.70 11.17 4.57
N ALA D 202 -7.44 10.76 4.76
CA ALA D 202 -7.04 10.11 6.01
C ALA D 202 -6.23 11.07 6.90
N PRO D 203 -6.81 11.65 7.95
CA PRO D 203 -6.04 12.55 8.80
C PRO D 203 -5.20 11.80 9.81
N GLY D 204 -4.12 12.46 10.22
CA GLY D 204 -3.36 12.05 11.38
C GLY D 204 -3.87 12.74 12.64
N PHE D 205 -2.99 13.03 13.60
CA PHE D 205 -3.37 13.80 14.77
C PHE D 205 -3.77 15.20 14.35
N ILE D 206 -5.03 15.57 14.59
CA ILE D 206 -5.56 16.89 14.27
C ILE D 206 -5.93 17.59 15.57
N GLU D 207 -5.64 18.89 15.64
CA GLU D 207 -5.85 19.69 16.85
C GLU D 207 -7.31 20.10 16.92
N THR D 208 -7.94 19.90 18.08
CA THR D 208 -9.39 20.06 18.17
C THR D 208 -9.84 20.87 19.37
N ASP D 209 -11.14 20.76 19.70
CA ASP D 209 -11.63 21.23 20.98
C ASP D 209 -10.95 20.49 22.12
N MET D 210 -10.47 19.28 21.81
CA MET D 210 -9.72 18.47 22.74
C MET D 210 -8.26 18.78 22.45
N THR D 211 -7.30 18.00 22.91
CA THR D 211 -5.87 18.37 22.65
C THR D 211 -5.32 19.65 23.36
N ARG D 212 -6.03 20.77 23.42
CA ARG D 212 -5.75 21.99 24.09
C ARG D 212 -5.73 21.83 25.60
N ALA D 213 -6.45 20.84 26.12
CA ALA D 213 -6.43 20.54 27.51
C ALA D 213 -5.56 19.33 27.79
N LEU D 214 -4.80 18.84 26.84
CA LEU D 214 -3.93 17.71 27.09
C LEU D 214 -2.75 18.09 27.94
N SER D 215 -2.13 17.13 28.58
CA SER D 215 -1.03 17.46 29.42
C SER D 215 0.24 17.52 28.62
N ASP D 216 1.19 18.28 29.10
CA ASP D 216 2.45 18.48 28.49
C ASP D 216 3.09 17.17 28.16
N ASP D 217 2.98 16.22 29.06
CA ASP D 217 3.49 14.88 28.78
C ASP D 217 2.71 14.22 27.66
N GLN D 218 1.39 14.30 27.75
CA GLN D 218 0.55 13.70 26.71
C GLN D 218 0.85 14.33 25.35
N ARG D 219 0.91 15.66 25.32
CA ARG D 219 1.12 16.37 24.07
C ARG D 219 2.50 16.07 23.49
N ALA D 220 3.49 15.87 24.34
CA ALA D 220 4.82 15.51 23.86
C ALA D 220 4.78 14.16 23.19
N GLY D 221 4.17 13.17 23.86
CA GLY D 221 4.09 11.84 23.31
C GLY D 221 3.35 11.77 21.99
N ILE D 222 2.39 12.66 21.77
CA ILE D 222 1.73 12.70 20.47
C ILE D 222 2.69 13.24 19.43
N LEU D 223 3.45 14.28 19.79
CA LEU D 223 4.31 14.93 18.81
C LEU D 223 5.47 14.06 18.41
N ALA D 224 5.96 13.21 19.31
CA ALA D 224 7.07 12.32 18.95
C ALA D 224 6.75 11.49 17.73
N GLN D 225 5.46 11.17 17.53
CA GLN D 225 5.06 10.31 16.44
C GLN D 225 5.03 11.03 15.09
N VAL D 226 5.03 12.35 15.09
CA VAL D 226 4.71 13.11 13.87
C VAL D 226 5.97 13.79 13.39
N PRO D 227 6.59 13.33 12.31
CA PRO D 227 7.84 13.93 11.86
C PRO D 227 7.73 15.41 11.65
N ALA D 228 6.56 15.91 11.23
CA ALA D 228 6.44 17.34 11.01
C ALA D 228 6.55 18.11 12.32
N GLY D 229 6.43 17.43 13.46
CA GLY D 229 6.55 18.07 14.74
C GLY D 229 5.41 18.94 15.17
N ARG D 230 4.25 18.85 14.52
CA ARG D 230 3.07 19.60 14.94
C ARG D 230 1.85 18.71 14.79
N LEU D 231 0.72 19.20 15.30
CA LEU D 231 -0.57 18.60 15.01
C LEU D 231 -1.14 19.36 13.84
N GLY D 232 -1.88 18.66 12.99
CA GLY D 232 -2.50 19.30 11.85
C GLY D 232 -3.68 20.15 12.24
N GLY D 233 -4.05 21.03 11.33
CA GLY D 233 -5.19 21.91 11.55
C GLY D 233 -6.43 21.38 10.86
N ALA D 234 -7.57 21.69 11.41
CA ALA D 234 -8.83 21.27 10.89
C ALA D 234 -8.96 21.69 9.47
N GLN D 235 -8.45 22.87 9.18
CA GLN D 235 -8.46 23.45 7.87
C GLN D 235 -7.53 22.73 6.92
N GLU D 236 -6.50 22.10 7.41
CA GLU D 236 -5.63 21.37 6.55
C GLU D 236 -6.40 20.22 6.00
N ILE D 237 -7.25 19.62 6.80
CA ILE D 237 -8.09 18.55 6.29
C ILE D 237 -9.13 19.13 5.34
N ALA D 238 -9.67 20.30 5.65
CA ALA D 238 -10.70 20.89 4.78
C ALA D 238 -10.17 21.16 3.39
N SER D 239 -8.95 21.68 3.28
CA SER D 239 -8.42 22.05 1.97
C SER D 239 -8.13 20.83 1.12
N ALA D 240 -7.74 19.70 1.75
CA ALA D 240 -7.71 18.44 1.00
C ALA D 240 -9.09 18.09 0.48
N VAL D 241 -10.10 18.11 1.36
CA VAL D 241 -11.44 17.73 0.95
C VAL D 241 -11.94 18.63 -0.17
N ALA D 242 -11.68 19.93 -0.08
CA ALA D 242 -12.24 20.86 -1.05
C ALA D 242 -11.59 20.68 -2.42
N PHE D 243 -10.28 20.36 -2.44
CA PHE D 243 -9.61 20.05 -3.68
C PHE D 243 -10.22 18.81 -4.33
N LEU D 244 -10.38 17.74 -3.53
CA LEU D 244 -10.97 16.52 -4.07
C LEU D 244 -12.42 16.71 -4.48
N ALA D 245 -13.16 17.57 -3.80
CA ALA D 245 -14.54 17.81 -4.23
C ALA D 245 -14.64 18.77 -5.41
N SER D 246 -13.53 19.23 -5.97
CA SER D 246 -13.56 20.29 -6.97
C SER D 246 -13.43 19.71 -8.37
N ASP D 247 -13.65 20.58 -9.37
CA ASP D 247 -13.65 20.19 -10.78
C ASP D 247 -12.27 19.83 -11.29
N GLU D 248 -11.21 20.12 -10.56
CA GLU D 248 -9.89 19.75 -10.99
C GLU D 248 -9.38 18.48 -10.32
N ALA D 249 -10.27 17.72 -9.69
CA ALA D 249 -9.94 16.41 -9.16
C ALA D 249 -10.83 15.32 -9.75
N SER D 250 -11.33 15.54 -10.96
CA SER D 250 -12.24 14.58 -11.58
C SER D 250 -11.55 13.29 -12.00
N TYR D 251 -10.22 13.26 -12.02
CA TYR D 251 -9.48 12.06 -12.38
C TYR D 251 -8.92 11.30 -11.16
N ILE D 252 -9.38 11.61 -9.96
CA ILE D 252 -9.01 10.85 -8.76
C ILE D 252 -10.23 10.10 -8.24
N THR D 253 -10.21 8.77 -8.31
CA THR D 253 -11.23 7.96 -7.62
C THR D 253 -10.59 6.74 -6.99
N GLY D 254 -11.23 6.26 -5.90
CA GLY D 254 -10.74 5.11 -5.18
C GLY D 254 -9.37 5.33 -4.54
N GLU D 255 -9.04 6.58 -4.21
CA GLU D 255 -7.73 6.96 -3.69
C GLU D 255 -7.86 7.47 -2.26
N THR D 256 -6.76 7.33 -1.51
CA THR D 256 -6.70 7.81 -0.14
C THR D 256 -5.63 8.90 -0.08
N LEU D 257 -6.04 10.09 0.35
CA LEU D 257 -5.14 11.22 0.45
C LEU D 257 -4.77 11.35 1.91
N HIS D 258 -3.54 10.96 2.24
CA HIS D 258 -3.09 10.91 3.63
C HIS D 258 -2.57 12.26 4.05
N VAL D 259 -3.19 12.84 5.07
CA VAL D 259 -2.76 14.13 5.61
C VAL D 259 -2.34 13.97 7.07
N ASN D 260 -1.09 13.51 7.32
CA ASN D 260 -0.70 13.18 8.69
C ASN D 260 0.71 13.64 9.06
N GLY D 261 1.26 14.66 8.41
CA GLY D 261 2.59 15.13 8.77
C GLY D 261 3.68 14.08 8.70
N GLY D 262 3.49 13.02 7.92
CA GLY D 262 4.50 12.00 7.83
C GLY D 262 4.46 10.96 8.93
N MET D 263 3.48 11.02 9.84
CA MET D 263 3.30 9.98 10.86
C MET D 263 3.32 8.58 10.25
N TYR D 264 2.91 8.46 8.99
CA TYR D 264 2.96 7.21 8.25
C TYR D 264 3.18 7.57 6.78
N MET D 265 3.72 6.64 6.02
CA MET D 265 3.95 6.92 4.62
C MET D 265 3.49 5.78 3.72
N VAL D 266 2.71 6.16 2.70
CA VAL D 266 1.97 5.30 1.76
C VAL D 266 1.14 4.25 2.51
#